data_5XGS
#
_entry.id   5XGS
#
_cell.length_a   111.020
_cell.length_b   54.550
_cell.length_c   140.473
_cell.angle_alpha   90.000
_cell.angle_beta   95.820
_cell.angle_gamma   90.000
#
_symmetry.space_group_name_H-M   'I 1 2 1'
#
loop_
_entity.id
_entity.type
_entity.pdbx_description
1 polymer 'RCC1-like G exchanging factor-like protein'
2 water water
#
_entity_poly.entity_id   1
_entity_poly.type   'polypeptide(L)'
_entity_poly.pdbx_seq_one_letter_code
;SRSRREAAEAEAEVPVVQYVGERAARADRVFVWGFSFSGALGVPSFVVPSSGPGPRAGARPRRRIQPVPYRLELDQKISS
AACGYGFTLLSSKTADVTKVWGMGLNKDSQLGFHGGGYEYVLEPSPVSLPLDRPQETRVLQVSCGRAHSLVLTDREGVFS
MGNNSYGQCGRKVVENEIYSESHRVHRMQDFDGQVVQVACGQDHSLFLTDKGEVYSCGWGADGQTGLGHYNITSSPTKLG
GDLAGVNVIQVATYGDCCLAVSADGGLFGWGNSEYLQLASVTDSTQVNVPRCLHFSGVGKVRQAACGGTGCAVLNGEGHV
FVWGYGILGKGPNLVESAVPEMIPPTLFGLTEFNPEIQVSRIRCGLSHFAALTNKGELFVWGKNIRGCLGIGRLEDQYFP
WRVTMPGEPVDVACGVDHMVTLAKSFI
;
_entity_poly.pdbx_strand_id   A,B
#
# COMPACT_ATOMS: atom_id res chain seq x y z
N ASP A 28 7.49 -25.03 -22.99
CA ASP A 28 8.82 -25.55 -23.32
C ASP A 28 9.48 -26.26 -22.14
N ARG A 29 9.36 -25.70 -20.94
CA ARG A 29 10.15 -26.20 -19.82
C ARG A 29 9.35 -26.17 -18.52
N VAL A 30 9.61 -27.17 -17.67
CA VAL A 30 8.94 -27.34 -16.38
C VAL A 30 10.00 -27.31 -15.29
N PHE A 31 9.84 -26.40 -14.34
CA PHE A 31 10.74 -26.31 -13.19
C PHE A 31 9.99 -26.65 -11.92
N VAL A 32 10.65 -27.39 -11.02
CA VAL A 32 10.05 -27.83 -9.77
C VAL A 32 11.01 -27.50 -8.63
N TRP A 33 10.44 -27.30 -7.44
CA TRP A 33 11.24 -27.08 -6.24
C TRP A 33 10.34 -27.14 -5.01
N GLY A 34 10.98 -27.29 -3.85
CA GLY A 34 10.30 -27.33 -2.58
C GLY A 34 10.48 -28.68 -1.89
N PHE A 35 9.46 -29.05 -1.12
CA PHE A 35 9.46 -30.34 -0.43
C PHE A 35 9.46 -31.47 -1.47
N SER A 36 10.43 -32.37 -1.36
CA SER A 36 10.63 -33.42 -2.34
C SER A 36 10.26 -34.81 -1.86
N PHE A 37 10.16 -35.02 -0.56
CA PHE A 37 10.16 -36.37 -0.02
C PHE A 37 8.82 -37.11 -0.15
N SER A 38 7.78 -36.45 -0.64
CA SER A 38 6.55 -37.16 -0.98
C SER A 38 6.50 -37.52 -2.46
N GLY A 39 7.55 -37.19 -3.22
CA GLY A 39 7.60 -37.45 -4.64
C GLY A 39 6.96 -36.38 -5.51
N ALA A 40 6.51 -35.28 -4.93
CA ALA A 40 5.69 -34.31 -5.66
C ALA A 40 6.47 -33.55 -6.73
N LEU A 41 7.79 -33.59 -6.71
CA LEU A 41 8.58 -32.90 -7.73
C LEU A 41 8.89 -33.78 -8.93
N GLY A 42 8.75 -35.09 -8.81
CA GLY A 42 8.84 -35.98 -9.95
C GLY A 42 10.22 -36.48 -10.31
N VAL A 43 11.21 -36.28 -9.47
CA VAL A 43 12.57 -36.75 -9.71
C VAL A 43 12.87 -37.85 -8.70
N PRO A 44 12.94 -39.12 -9.11
CA PRO A 44 13.16 -40.20 -8.13
C PRO A 44 14.47 -40.10 -7.37
N SER A 45 15.52 -39.54 -7.97
CA SER A 45 16.80 -39.43 -7.27
C SER A 45 16.76 -38.46 -6.11
N PHE A 46 15.70 -37.66 -5.98
CA PHE A 46 15.58 -36.70 -4.88
C PHE A 46 15.42 -37.37 -3.53
N VAL A 47 14.95 -38.62 -3.49
CA VAL A 47 14.59 -39.27 -2.23
C VAL A 47 15.57 -40.39 -1.86
N VAL A 48 16.67 -40.53 -2.59
CA VAL A 48 17.71 -41.51 -2.27
C VAL A 48 19.07 -40.86 -2.43
N PRO A 49 20.09 -41.42 -1.78
CA PRO A 49 21.44 -40.90 -1.99
C PRO A 49 21.84 -40.96 -3.47
N SER A 50 22.38 -39.86 -3.96
CA SER A 50 22.69 -39.75 -5.37
C SER A 50 23.65 -38.59 -5.56
N SER A 51 24.15 -38.46 -6.78
CA SER A 51 24.98 -37.34 -7.17
C SER A 51 24.60 -36.92 -8.58
N GLY A 52 24.94 -35.68 -8.93
CA GLY A 52 24.84 -35.25 -10.29
C GLY A 52 25.86 -35.94 -11.17
N PRO A 53 25.86 -35.61 -12.46
CA PRO A 53 26.89 -36.17 -13.34
C PRO A 53 28.28 -35.74 -12.89
N GLY A 54 29.26 -36.58 -13.23
CA GLY A 54 30.60 -36.47 -12.71
C GLY A 54 31.10 -37.86 -12.37
N PRO A 55 31.86 -38.45 -13.28
CA PRO A 55 32.18 -39.90 -13.15
C PRO A 55 32.89 -40.26 -11.87
N ARG A 56 33.68 -39.36 -11.29
CA ARG A 56 34.40 -39.65 -10.07
C ARG A 56 33.67 -39.19 -8.82
N ALA A 57 32.50 -38.58 -8.96
CA ALA A 57 31.76 -38.07 -7.82
C ALA A 57 30.98 -39.19 -7.14
N GLY A 58 31.21 -39.37 -5.84
CA GLY A 58 30.45 -40.33 -5.09
C GLY A 58 29.04 -39.83 -4.78
N ALA A 59 28.16 -40.78 -4.47
CA ALA A 59 26.82 -40.42 -4.06
C ALA A 59 26.86 -39.58 -2.79
N ARG A 60 25.86 -38.72 -2.63
CA ARG A 60 25.75 -37.86 -1.48
C ARG A 60 24.34 -37.94 -0.91
N PRO A 61 24.18 -37.73 0.39
CA PRO A 61 22.83 -37.78 0.97
C PRO A 61 21.97 -36.64 0.45
N ARG A 62 20.68 -36.91 0.33
CA ARG A 62 19.70 -35.90 -0.01
C ARG A 62 18.98 -35.43 1.24
N ARG A 63 18.58 -34.16 1.25
CA ARG A 63 17.66 -33.67 2.24
C ARG A 63 16.24 -33.82 1.70
N ARG A 64 15.26 -33.37 2.47
CA ARG A 64 13.86 -33.47 2.07
C ARG A 64 13.42 -32.29 1.21
N ILE A 65 14.34 -31.42 0.81
CA ILE A 65 14.02 -30.19 0.11
C ILE A 65 14.87 -30.07 -1.15
N GLN A 66 14.26 -29.60 -2.24
CA GLN A 66 14.98 -29.08 -3.40
C GLN A 66 14.87 -27.55 -3.33
N PRO A 67 15.91 -26.85 -2.90
CA PRO A 67 15.75 -25.42 -2.54
C PRO A 67 15.83 -24.47 -3.72
N VAL A 68 16.23 -24.92 -4.90
CA VAL A 68 16.35 -24.06 -6.06
C VAL A 68 15.65 -24.74 -7.23
N PRO A 69 15.22 -23.96 -8.23
CA PRO A 69 14.51 -24.56 -9.37
C PRO A 69 15.33 -25.65 -10.05
N TYR A 70 14.66 -26.76 -10.34
CA TYR A 70 15.25 -27.90 -11.03
C TYR A 70 14.39 -28.23 -12.25
N ARG A 71 15.03 -28.48 -13.39
CA ARG A 71 14.31 -28.74 -14.62
C ARG A 71 13.85 -30.18 -14.65
N LEU A 72 12.54 -30.39 -14.58
CA LEU A 72 11.98 -31.73 -14.73
C LEU A 72 12.15 -32.19 -16.17
N GLU A 73 12.71 -33.39 -16.34
CA GLU A 73 12.95 -33.96 -17.67
C GLU A 73 11.74 -34.76 -18.07
N LEU A 74 10.85 -34.16 -18.87
CA LEU A 74 9.62 -34.80 -19.32
C LEU A 74 9.35 -34.36 -20.75
N ASP A 75 9.35 -35.32 -21.67
CA ASP A 75 9.27 -35.03 -23.10
C ASP A 75 7.87 -34.63 -23.56
N GLN A 76 7.08 -34.03 -22.68
CA GLN A 76 5.73 -33.60 -23.01
C GLN A 76 5.66 -32.08 -23.04
N LYS A 77 4.66 -31.57 -23.74
CA LYS A 77 4.38 -30.14 -23.80
C LYS A 77 3.30 -29.83 -22.77
N ILE A 78 3.73 -29.41 -21.58
CA ILE A 78 2.83 -29.19 -20.46
C ILE A 78 2.26 -27.78 -20.56
N SER A 79 0.93 -27.69 -20.60
CA SER A 79 0.25 -26.39 -20.66
C SER A 79 -0.48 -26.04 -19.37
N SER A 80 -0.59 -26.98 -18.42
CA SER A 80 -1.28 -26.72 -17.17
C SER A 80 -0.62 -27.52 -16.07
N ALA A 81 -0.44 -26.89 -14.91
CA ALA A 81 0.16 -27.53 -13.75
C ALA A 81 -0.68 -27.24 -12.52
N ALA A 82 -0.71 -28.19 -11.59
CA ALA A 82 -1.44 -28.02 -10.35
C ALA A 82 -0.68 -28.68 -9.21
N CYS A 83 -0.65 -28.01 -8.07
CA CYS A 83 0.01 -28.51 -6.87
C CYS A 83 -1.06 -28.75 -5.80
N GLY A 84 -1.30 -30.01 -5.49
CA GLY A 84 -2.08 -30.38 -4.33
C GLY A 84 -1.24 -30.29 -3.07
N TYR A 85 -1.83 -30.73 -1.97
CA TYR A 85 -1.09 -30.78 -0.71
C TYR A 85 -0.18 -32.00 -0.78
N GLY A 86 1.02 -31.80 -1.32
CA GLY A 86 2.00 -32.87 -1.41
C GLY A 86 1.95 -33.72 -2.66
N PHE A 87 1.23 -33.30 -3.70
CA PHE A 87 1.23 -34.01 -4.97
C PHE A 87 1.05 -33.01 -6.11
N THR A 88 1.19 -33.49 -7.33
CA THR A 88 1.25 -32.64 -8.51
C THR A 88 0.56 -33.31 -9.69
N LEU A 89 -0.13 -32.50 -10.50
CA LEU A 89 -0.64 -32.92 -11.80
C LEU A 89 -0.05 -32.02 -12.88
N LEU A 90 0.26 -32.62 -14.03
CA LEU A 90 0.71 -31.90 -15.21
C LEU A 90 -0.12 -32.40 -16.39
N SER A 91 -0.57 -31.49 -17.23
CA SER A 91 -1.42 -31.87 -18.35
C SER A 91 -0.96 -31.20 -19.64
N SER A 92 -1.20 -31.88 -20.75
CA SER A 92 -0.90 -31.41 -22.08
C SER A 92 -2.19 -31.31 -22.88
N LYS A 93 -2.21 -30.42 -23.86
CA LYS A 93 -3.35 -30.27 -24.75
C LYS A 93 -3.33 -31.26 -25.91
N THR A 94 -2.42 -32.23 -25.88
CA THR A 94 -2.22 -33.12 -27.01
C THR A 94 -3.46 -33.96 -27.29
N ALA A 95 -3.66 -34.29 -28.56
CA ALA A 95 -4.70 -35.23 -28.95
C ALA A 95 -4.27 -36.68 -28.75
N ASP A 96 -2.99 -36.91 -28.46
CA ASP A 96 -2.52 -38.25 -28.11
C ASP A 96 -3.24 -38.74 -26.85
N VAL A 97 -3.31 -40.07 -26.71
CA VAL A 97 -4.14 -40.65 -25.65
C VAL A 97 -3.60 -40.34 -24.26
N THR A 98 -2.30 -40.12 -24.13
CA THR A 98 -1.70 -39.79 -22.84
C THR A 98 -1.64 -38.27 -22.71
N LYS A 99 -2.42 -37.72 -21.77
CA LYS A 99 -2.57 -36.28 -21.66
C LYS A 99 -2.29 -35.71 -20.28
N VAL A 100 -2.17 -36.54 -19.24
CA VAL A 100 -2.01 -36.06 -17.87
C VAL A 100 -0.97 -36.93 -17.17
N TRP A 101 -0.11 -36.29 -16.37
CA TRP A 101 0.89 -36.98 -15.58
C TRP A 101 0.81 -36.48 -14.15
N GLY A 102 1.13 -37.37 -13.22
CA GLY A 102 1.02 -37.06 -11.80
C GLY A 102 2.15 -37.68 -11.00
N MET A 103 2.43 -37.06 -9.86
CA MET A 103 3.44 -37.57 -8.95
C MET A 103 3.15 -37.05 -7.55
N GLY A 104 3.68 -37.77 -6.55
CA GLY A 104 3.52 -37.35 -5.18
C GLY A 104 2.63 -38.28 -4.34
N LEU A 105 2.05 -37.72 -3.29
CA LEU A 105 1.18 -38.48 -2.41
C LEU A 105 -0.03 -39.00 -3.17
N ASN A 106 -0.35 -40.29 -2.99
CA ASN A 106 -1.46 -40.90 -3.71
C ASN A 106 -2.27 -41.84 -2.82
N LYS A 107 -2.30 -41.60 -1.51
CA LYS A 107 -2.99 -42.51 -0.60
C LYS A 107 -4.51 -42.45 -0.75
N ASP A 108 -5.04 -41.40 -1.39
CA ASP A 108 -6.46 -41.32 -1.70
C ASP A 108 -6.74 -41.48 -3.20
N SER A 109 -5.74 -41.90 -3.97
CA SER A 109 -5.84 -42.01 -5.43
C SER A 109 -6.11 -40.64 -6.07
N GLN A 110 -5.56 -39.57 -5.49
CA GLN A 110 -5.72 -38.25 -6.08
C GLN A 110 -4.99 -38.14 -7.42
N LEU A 111 -4.09 -39.08 -7.73
CA LEU A 111 -3.45 -39.15 -9.03
C LEU A 111 -4.07 -40.24 -9.91
N GLY A 112 -5.24 -40.75 -9.55
CA GLY A 112 -5.77 -41.91 -10.21
C GLY A 112 -5.10 -43.18 -9.72
N PHE A 113 -5.38 -44.27 -10.42
CA PHE A 113 -4.78 -45.55 -10.08
C PHE A 113 -3.40 -45.68 -10.68
N HIS A 114 -2.49 -46.28 -9.93
CA HIS A 114 -1.13 -46.54 -10.41
C HIS A 114 -0.67 -47.90 -9.89
N GLY A 115 -0.10 -48.70 -10.80
CA GLY A 115 0.30 -50.05 -10.45
C GLY A 115 1.32 -50.09 -9.33
N GLY A 116 1.39 -51.25 -8.69
CA GLY A 116 2.16 -51.40 -7.48
C GLY A 116 1.42 -50.83 -6.28
N GLY A 117 1.86 -51.25 -5.09
CA GLY A 117 1.28 -50.73 -3.86
C GLY A 117 2.05 -49.54 -3.34
N TYR A 118 2.23 -48.52 -4.17
CA TYR A 118 3.07 -47.38 -3.85
C TYR A 118 2.19 -46.21 -3.43
N GLU A 119 2.29 -45.82 -2.15
CA GLU A 119 1.53 -44.69 -1.64
C GLU A 119 2.04 -43.36 -2.18
N TYR A 120 3.28 -43.32 -2.67
CA TYR A 120 3.89 -42.09 -3.17
C TYR A 120 4.47 -42.37 -4.55
N VAL A 121 3.98 -41.63 -5.55
CA VAL A 121 4.47 -41.75 -6.92
C VAL A 121 5.67 -40.83 -7.08
N LEU A 122 6.80 -41.37 -7.49
CA LEU A 122 8.07 -40.65 -7.44
C LEU A 122 8.46 -39.97 -8.74
N GLU A 123 7.84 -40.32 -9.86
CA GLU A 123 8.13 -39.73 -11.16
C GLU A 123 6.81 -39.45 -11.86
N PRO A 124 6.78 -38.51 -12.81
CA PRO A 124 5.52 -38.20 -13.49
C PRO A 124 4.99 -39.41 -14.22
N SER A 125 3.82 -39.87 -13.79
CA SER A 125 3.25 -41.11 -14.30
C SER A 125 1.92 -40.86 -15.00
N PRO A 126 1.64 -41.55 -16.09
CA PRO A 126 0.42 -41.28 -16.86
C PRO A 126 -0.84 -41.47 -16.02
N VAL A 127 -1.74 -40.49 -16.09
CA VAL A 127 -3.00 -40.52 -15.36
C VAL A 127 -4.10 -40.90 -16.34
N SER A 128 -4.75 -42.03 -16.08
CA SER A 128 -5.77 -42.55 -16.97
C SER A 128 -7.07 -41.75 -16.84
N LEU A 129 -7.74 -41.55 -17.98
CA LEU A 129 -9.02 -40.87 -18.03
C LEU A 129 -9.99 -41.70 -18.86
N PRO A 130 -11.20 -41.95 -18.39
CA PRO A 130 -12.17 -42.76 -19.18
C PRO A 130 -12.88 -41.93 -20.24
N LEU A 131 -12.13 -41.55 -21.27
CA LEU A 131 -12.64 -40.66 -22.30
C LEU A 131 -13.41 -41.44 -23.38
N ASP A 132 -14.49 -40.83 -23.87
CA ASP A 132 -15.24 -41.43 -24.97
C ASP A 132 -14.39 -41.51 -26.23
N ARG A 133 -13.60 -40.47 -26.50
CA ARG A 133 -12.81 -40.36 -27.72
C ARG A 133 -11.40 -39.91 -27.32
N PRO A 134 -10.56 -40.85 -26.88
CA PRO A 134 -9.26 -40.46 -26.32
C PRO A 134 -8.32 -39.82 -27.32
N GLN A 135 -8.53 -40.00 -28.63
CA GLN A 135 -7.65 -39.42 -29.63
C GLN A 135 -8.19 -38.12 -30.20
N GLU A 136 -9.30 -37.61 -29.68
CA GLU A 136 -9.88 -36.34 -30.11
C GLU A 136 -10.03 -35.34 -28.97
N THR A 137 -10.49 -35.80 -27.81
CA THR A 137 -10.68 -34.92 -26.66
C THR A 137 -9.34 -34.44 -26.12
N ARG A 138 -9.29 -33.19 -25.66
CA ARG A 138 -8.07 -32.60 -25.13
C ARG A 138 -8.30 -32.11 -23.71
N VAL A 139 -7.23 -32.18 -22.91
CA VAL A 139 -7.26 -31.69 -21.54
C VAL A 139 -6.82 -30.24 -21.52
N LEU A 140 -7.61 -29.38 -20.89
CA LEU A 140 -7.34 -27.95 -20.86
C LEU A 140 -6.72 -27.47 -19.55
N GLN A 141 -6.96 -28.17 -18.44
CA GLN A 141 -6.54 -27.66 -17.14
C GLN A 141 -6.60 -28.77 -16.11
N VAL A 142 -5.73 -28.67 -15.11
CA VAL A 142 -5.74 -29.56 -13.95
C VAL A 142 -5.80 -28.71 -12.69
N SER A 143 -6.36 -29.29 -11.63
CA SER A 143 -6.40 -28.64 -10.33
C SER A 143 -6.36 -29.70 -9.24
N CYS A 144 -5.81 -29.33 -8.09
CA CYS A 144 -5.61 -30.27 -7.00
C CYS A 144 -5.85 -29.58 -5.66
N GLY A 145 -6.49 -30.29 -4.74
CA GLY A 145 -6.72 -29.78 -3.40
C GLY A 145 -5.95 -30.57 -2.36
N ARG A 146 -6.57 -30.79 -1.19
CA ARG A 146 -5.89 -31.55 -0.13
C ARG A 146 -5.72 -33.00 -0.53
N ALA A 147 -6.77 -33.62 -1.09
CA ALA A 147 -6.70 -35.04 -1.43
C ALA A 147 -7.51 -35.39 -2.67
N HIS A 148 -7.91 -34.41 -3.49
CA HIS A 148 -8.67 -34.68 -4.69
C HIS A 148 -8.13 -33.83 -5.83
N SER A 149 -8.48 -34.23 -7.06
CA SER A 149 -8.02 -33.56 -8.26
C SER A 149 -9.17 -33.37 -9.23
N LEU A 150 -9.07 -32.34 -10.07
CA LEU A 150 -10.02 -32.08 -11.13
C LEU A 150 -9.26 -31.95 -12.45
N VAL A 151 -9.83 -32.53 -13.51
CA VAL A 151 -9.26 -32.48 -14.85
C VAL A 151 -10.32 -31.96 -15.80
N LEU A 152 -10.07 -30.81 -16.42
CA LEU A 152 -11.01 -30.17 -17.33
C LEU A 152 -10.66 -30.55 -18.77
N THR A 153 -11.63 -31.07 -19.50
CA THR A 153 -11.49 -31.38 -20.92
C THR A 153 -12.28 -30.38 -21.75
N ASP A 154 -11.92 -30.30 -23.03
CA ASP A 154 -12.56 -29.32 -23.90
C ASP A 154 -13.97 -29.74 -24.30
N ARG A 155 -14.24 -31.05 -24.39
CA ARG A 155 -15.53 -31.49 -24.91
C ARG A 155 -16.19 -32.62 -24.13
N GLU A 156 -15.61 -33.11 -23.04
CA GLU A 156 -16.20 -34.23 -22.32
C GLU A 156 -16.47 -33.91 -20.84
N GLY A 157 -16.41 -32.65 -20.44
CA GLY A 157 -16.75 -32.27 -19.08
C GLY A 157 -15.54 -32.30 -18.16
N VAL A 158 -15.84 -32.38 -16.85
CA VAL A 158 -14.84 -32.34 -15.80
C VAL A 158 -14.72 -33.73 -15.18
N PHE A 159 -13.49 -34.19 -14.99
CA PHE A 159 -13.22 -35.48 -14.37
C PHE A 159 -12.59 -35.27 -13.00
N SER A 160 -12.97 -36.11 -12.04
CA SER A 160 -12.48 -36.00 -10.67
C SER A 160 -11.95 -37.35 -10.20
N MET A 161 -10.96 -37.29 -9.31
CA MET A 161 -10.40 -38.48 -8.68
C MET A 161 -9.85 -38.09 -7.32
N GLY A 162 -9.64 -39.09 -6.47
CA GLY A 162 -9.13 -38.83 -5.14
C GLY A 162 -10.16 -39.03 -4.04
N ASN A 163 -9.99 -38.31 -2.93
CA ASN A 163 -10.87 -38.48 -1.78
C ASN A 163 -12.22 -37.83 -2.04
N ASN A 164 -13.28 -38.52 -1.63
CA ASN A 164 -14.65 -38.03 -1.75
C ASN A 164 -15.39 -38.11 -0.41
N SER A 165 -14.65 -38.03 0.70
CA SER A 165 -15.26 -38.10 2.01
C SER A 165 -16.26 -36.96 2.24
N TYR A 166 -16.11 -35.85 1.52
CA TYR A 166 -16.96 -34.68 1.71
C TYR A 166 -17.70 -34.30 0.44
N GLY A 167 -17.78 -35.21 -0.54
CA GLY A 167 -18.44 -34.91 -1.78
C GLY A 167 -17.68 -34.00 -2.71
N GLN A 168 -16.39 -33.75 -2.43
CA GLN A 168 -15.62 -32.79 -3.23
C GLN A 168 -15.33 -33.31 -4.63
N CYS A 169 -15.49 -34.60 -4.87
CA CYS A 169 -15.35 -35.15 -6.22
C CYS A 169 -16.62 -35.02 -7.05
N GLY A 170 -17.68 -34.45 -6.49
CA GLY A 170 -18.90 -34.20 -7.25
C GLY A 170 -19.81 -35.39 -7.42
N ARG A 171 -19.65 -36.42 -6.59
CA ARG A 171 -20.54 -37.58 -6.60
C ARG A 171 -20.94 -37.91 -5.17
N LYS A 172 -21.98 -38.73 -5.04
CA LYS A 172 -22.52 -39.07 -3.73
C LYS A 172 -21.44 -39.69 -2.84
N VAL A 173 -21.48 -39.33 -1.56
CA VAL A 173 -20.53 -39.89 -0.59
C VAL A 173 -20.94 -41.33 -0.29
N VAL A 174 -20.00 -42.25 -0.52
CA VAL A 174 -20.14 -43.65 -0.13
C VAL A 174 -19.41 -43.82 1.19
N GLU A 175 -20.15 -44.20 2.25
CA GLU A 175 -19.66 -43.97 3.60
C GLU A 175 -18.45 -44.84 3.95
N ASN A 176 -18.38 -46.06 3.43
CA ASN A 176 -17.23 -46.93 3.68
C ASN A 176 -16.39 -47.16 2.44
N GLU A 177 -16.34 -46.19 1.54
CA GLU A 177 -15.51 -46.31 0.34
C GLU A 177 -14.03 -46.29 0.72
N ILE A 178 -13.25 -47.12 0.05
CA ILE A 178 -11.80 -47.16 0.22
C ILE A 178 -11.16 -46.39 -0.92
N TYR A 179 -10.44 -45.31 -0.58
CA TYR A 179 -9.94 -44.40 -1.58
C TYR A 179 -8.54 -44.75 -2.08
N SER A 180 -7.79 -45.57 -1.33
CA SER A 180 -6.48 -46.01 -1.79
C SER A 180 -6.64 -47.04 -2.91
N GLU A 181 -5.71 -46.98 -3.88
CA GLU A 181 -5.65 -47.93 -4.99
C GLU A 181 -7.01 -48.06 -5.68
N SER A 182 -7.61 -46.91 -5.96
CA SER A 182 -8.95 -46.86 -6.54
C SER A 182 -8.89 -46.51 -8.02
N HIS A 183 -9.73 -47.16 -8.81
CA HIS A 183 -9.90 -46.85 -10.22
C HIS A 183 -11.03 -45.86 -10.48
N ARG A 184 -11.69 -45.38 -9.43
CA ARG A 184 -12.86 -44.52 -9.62
C ARG A 184 -12.45 -43.16 -10.18
N VAL A 185 -13.09 -42.76 -11.27
CA VAL A 185 -12.92 -41.44 -11.85
C VAL A 185 -14.31 -40.94 -12.25
N HIS A 186 -14.76 -39.85 -11.63
CA HIS A 186 -16.08 -39.32 -11.86
C HIS A 186 -16.07 -38.30 -13.00
N ARG A 187 -17.18 -38.25 -13.74
CA ARG A 187 -17.32 -37.37 -14.89
C ARG A 187 -18.52 -36.46 -14.66
N MET A 188 -18.32 -35.15 -14.86
CA MET A 188 -19.35 -34.16 -14.60
C MET A 188 -19.58 -33.33 -15.86
N GLN A 189 -20.82 -33.31 -16.35
CA GLN A 189 -21.19 -32.47 -17.48
C GLN A 189 -22.49 -31.70 -17.24
N ASP A 190 -23.09 -31.84 -16.06
CA ASP A 190 -24.38 -31.19 -15.76
C ASP A 190 -24.16 -29.73 -15.39
N PHE A 191 -23.62 -28.98 -16.36
CA PHE A 191 -23.43 -27.55 -16.25
C PHE A 191 -24.15 -26.85 -17.39
N ASP A 192 -24.66 -25.65 -17.12
CA ASP A 192 -25.26 -24.83 -18.16
C ASP A 192 -24.12 -24.12 -18.89
N GLY A 193 -23.65 -24.74 -19.96
CA GLY A 193 -22.52 -24.26 -20.72
C GLY A 193 -21.27 -25.07 -20.46
N GLN A 194 -20.23 -24.73 -21.22
CA GLN A 194 -18.92 -25.35 -21.07
C GLN A 194 -18.21 -24.82 -19.83
N VAL A 195 -17.56 -25.71 -19.10
CA VAL A 195 -16.71 -25.30 -18.00
C VAL A 195 -15.38 -24.82 -18.54
N VAL A 196 -14.93 -23.65 -18.10
CA VAL A 196 -13.70 -23.04 -18.59
C VAL A 196 -12.64 -22.92 -17.51
N GLN A 197 -12.97 -23.14 -16.25
CA GLN A 197 -11.98 -23.13 -15.18
C GLN A 197 -12.46 -24.03 -14.05
N VAL A 198 -11.54 -24.82 -13.51
CA VAL A 198 -11.80 -25.60 -12.30
C VAL A 198 -10.79 -25.16 -11.25
N ALA A 199 -11.21 -25.20 -9.99
CA ALA A 199 -10.35 -24.76 -8.89
C ALA A 199 -10.66 -25.57 -7.65
N CYS A 200 -9.70 -26.36 -7.20
CA CYS A 200 -9.87 -27.14 -5.99
C CYS A 200 -9.56 -26.28 -4.77
N GLY A 201 -10.48 -26.29 -3.80
CA GLY A 201 -10.16 -25.88 -2.44
C GLY A 201 -9.60 -27.04 -1.66
N GLN A 202 -9.50 -26.85 -0.34
CA GLN A 202 -8.98 -27.92 0.51
C GLN A 202 -9.84 -29.17 0.39
N ASP A 203 -11.13 -29.03 0.69
CA ASP A 203 -12.06 -30.17 0.61
C ASP A 203 -13.32 -29.79 -0.16
N HIS A 204 -13.19 -28.89 -1.13
CA HIS A 204 -14.30 -28.50 -1.98
C HIS A 204 -13.77 -28.18 -3.37
N SER A 205 -14.68 -28.02 -4.32
CA SER A 205 -14.33 -27.78 -5.72
C SER A 205 -15.18 -26.66 -6.28
N LEU A 206 -14.58 -25.85 -7.15
CA LEU A 206 -15.27 -24.77 -7.85
C LEU A 206 -15.20 -25.01 -9.35
N PHE A 207 -16.30 -24.68 -10.04
CA PHE A 207 -16.38 -24.81 -11.49
C PHE A 207 -16.93 -23.52 -12.07
N LEU A 208 -16.25 -22.99 -13.08
CA LEU A 208 -16.62 -21.74 -13.74
C LEU A 208 -16.99 -22.02 -15.20
N THR A 209 -18.19 -21.61 -15.60
CA THR A 209 -18.70 -21.86 -16.94
C THR A 209 -18.45 -20.67 -17.85
N ASP A 210 -18.62 -20.92 -19.16
CA ASP A 210 -18.50 -19.84 -20.14
C ASP A 210 -19.68 -18.89 -20.14
N LYS A 211 -20.72 -19.19 -19.37
CA LYS A 211 -21.80 -18.24 -19.12
C LYS A 211 -21.53 -17.35 -17.92
N GLY A 212 -20.32 -17.44 -17.35
CA GLY A 212 -19.96 -16.61 -16.22
C GLY A 212 -20.60 -17.00 -14.91
N GLU A 213 -20.86 -18.29 -14.71
CA GLU A 213 -21.53 -18.78 -13.52
C GLU A 213 -20.67 -19.80 -12.79
N VAL A 214 -20.78 -19.82 -11.47
CA VAL A 214 -19.95 -20.65 -10.61
C VAL A 214 -20.78 -21.80 -10.05
N TYR A 215 -20.20 -22.99 -10.07
CA TYR A 215 -20.76 -24.17 -9.41
C TYR A 215 -19.78 -24.64 -8.34
N SER A 216 -20.30 -25.38 -7.37
CA SER A 216 -19.46 -25.88 -6.29
C SER A 216 -19.99 -27.21 -5.76
N CYS A 217 -19.11 -27.93 -5.08
CA CYS A 217 -19.47 -29.13 -4.34
C CYS A 217 -18.40 -29.37 -3.28
N GLY A 218 -18.74 -30.18 -2.29
CA GLY A 218 -17.79 -30.59 -1.28
C GLY A 218 -18.20 -30.13 0.12
N TRP A 219 -17.21 -29.99 0.98
CA TRP A 219 -17.42 -29.61 2.37
C TRP A 219 -17.99 -28.20 2.45
N GLY A 220 -18.89 -27.99 3.41
CA GLY A 220 -19.56 -26.70 3.50
C GLY A 220 -19.53 -26.04 4.87
N ALA A 221 -18.77 -26.62 5.81
CA ALA A 221 -18.84 -26.18 7.20
C ALA A 221 -18.47 -24.70 7.37
N ASP A 222 -17.53 -24.20 6.56
CA ASP A 222 -17.17 -22.78 6.59
C ASP A 222 -17.92 -21.97 5.55
N GLY A 223 -18.86 -22.59 4.82
CA GLY A 223 -19.52 -21.91 3.73
C GLY A 223 -18.73 -21.83 2.45
N GLN A 224 -17.67 -22.62 2.30
CA GLN A 224 -16.78 -22.50 1.16
C GLN A 224 -17.45 -22.87 -0.16
N THR A 225 -18.53 -23.64 -0.12
CA THR A 225 -19.28 -23.92 -1.34
C THR A 225 -20.21 -22.78 -1.74
N GLY A 226 -20.49 -21.85 -0.82
CA GLY A 226 -21.26 -20.67 -1.15
C GLY A 226 -22.69 -20.93 -1.58
N LEU A 227 -23.32 -21.95 -1.01
CA LEU A 227 -24.66 -22.35 -1.44
C LEU A 227 -25.74 -21.98 -0.42
N GLY A 228 -25.44 -21.10 0.53
CA GLY A 228 -26.44 -20.65 1.48
C GLY A 228 -26.69 -21.57 2.65
N HIS A 229 -25.90 -22.63 2.80
CA HIS A 229 -26.02 -23.55 3.93
C HIS A 229 -24.62 -24.02 4.31
N TYR A 230 -24.57 -24.88 5.33
CA TYR A 230 -23.30 -25.35 5.87
C TYR A 230 -23.11 -26.85 5.72
N ASN A 231 -23.92 -27.53 4.91
CA ASN A 231 -23.89 -28.98 4.80
C ASN A 231 -23.03 -29.42 3.61
N ILE A 232 -22.79 -30.73 3.56
CA ILE A 232 -22.05 -31.32 2.45
C ILE A 232 -22.87 -31.21 1.17
N THR A 233 -22.20 -30.88 0.07
CA THR A 233 -22.80 -30.92 -1.26
C THR A 233 -22.05 -31.95 -2.09
N SER A 234 -22.80 -32.89 -2.69
CA SER A 234 -22.20 -34.02 -3.40
C SER A 234 -22.49 -33.99 -4.90
N SER A 235 -22.91 -32.83 -5.43
CA SER A 235 -23.16 -32.66 -6.85
C SER A 235 -22.91 -31.19 -7.18
N PRO A 236 -22.27 -30.90 -8.31
CA PRO A 236 -21.99 -29.49 -8.66
C PRO A 236 -23.26 -28.66 -8.70
N THR A 237 -23.30 -27.62 -7.86
CA THR A 237 -24.48 -26.81 -7.66
C THR A 237 -24.15 -25.35 -7.90
N LYS A 238 -25.01 -24.66 -8.65
CA LYS A 238 -24.76 -23.27 -9.02
C LYS A 238 -24.92 -22.35 -7.82
N LEU A 239 -23.99 -21.40 -7.68
CA LEU A 239 -24.00 -20.43 -6.61
C LEU A 239 -24.85 -19.21 -6.99
N GLY A 240 -25.48 -18.63 -5.98
CA GLY A 240 -26.27 -17.42 -6.19
C GLY A 240 -25.74 -16.25 -5.40
N GLY A 241 -26.61 -15.65 -4.57
CA GLY A 241 -26.19 -14.51 -3.78
C GLY A 241 -25.82 -13.34 -4.66
N ASP A 242 -24.73 -12.66 -4.29
CA ASP A 242 -24.27 -11.50 -5.05
C ASP A 242 -23.69 -11.88 -6.41
N LEU A 243 -23.49 -13.17 -6.68
CA LEU A 243 -23.04 -13.61 -7.99
C LEU A 243 -24.17 -13.73 -9.01
N ALA A 244 -25.42 -13.60 -8.58
CA ALA A 244 -26.57 -13.79 -9.46
C ALA A 244 -26.56 -12.74 -10.56
N GLY A 245 -26.56 -13.19 -11.81
CA GLY A 245 -26.53 -12.27 -12.94
C GLY A 245 -25.20 -11.59 -13.16
N VAL A 246 -24.15 -12.01 -12.46
CA VAL A 246 -22.82 -11.43 -12.59
C VAL A 246 -22.00 -12.30 -13.54
N ASN A 247 -21.24 -11.66 -14.42
CA ASN A 247 -20.39 -12.38 -15.37
C ASN A 247 -19.04 -12.63 -14.70
N VAL A 248 -18.91 -13.80 -14.08
CA VAL A 248 -17.67 -14.17 -13.41
C VAL A 248 -16.66 -14.66 -14.44
N ILE A 249 -15.45 -14.10 -14.39
CA ILE A 249 -14.39 -14.49 -15.30
C ILE A 249 -13.25 -15.25 -14.61
N GLN A 250 -13.22 -15.27 -13.29
CA GLN A 250 -12.19 -16.03 -12.58
C GLN A 250 -12.70 -16.37 -11.19
N VAL A 251 -12.32 -17.55 -10.71
CA VAL A 251 -12.51 -17.94 -9.31
C VAL A 251 -11.15 -18.32 -8.74
N ALA A 252 -11.05 -18.22 -7.41
CA ALA A 252 -9.78 -18.48 -6.74
C ALA A 252 -10.05 -19.10 -5.37
N THR A 253 -9.33 -20.19 -5.08
CA THR A 253 -9.43 -20.88 -3.80
C THR A 253 -8.22 -21.81 -3.68
N TYR A 254 -8.04 -22.35 -2.48
CA TYR A 254 -7.03 -23.38 -2.23
C TYR A 254 -7.24 -23.94 -0.83
N GLY A 255 -7.57 -23.07 0.12
CA GLY A 255 -7.96 -23.49 1.44
C GLY A 255 -9.47 -23.53 1.59
N ASP A 256 -9.99 -22.82 2.58
CA ASP A 256 -11.43 -22.79 2.83
C ASP A 256 -12.08 -21.46 2.48
N CYS A 257 -11.32 -20.53 1.89
CA CYS A 257 -11.84 -19.24 1.46
C CYS A 257 -11.89 -19.22 -0.07
N CYS A 258 -12.84 -18.43 -0.61
CA CYS A 258 -13.05 -18.38 -2.05
C CYS A 258 -13.25 -16.93 -2.50
N LEU A 259 -12.69 -16.60 -3.66
CA LEU A 259 -12.86 -15.30 -4.29
C LEU A 259 -13.31 -15.50 -5.73
N ALA A 260 -14.00 -14.49 -6.27
CA ALA A 260 -14.43 -14.49 -7.66
C ALA A 260 -14.32 -13.09 -8.24
N VAL A 261 -13.92 -13.02 -9.50
CA VAL A 261 -13.71 -11.75 -10.20
C VAL A 261 -14.72 -11.67 -11.34
N SER A 262 -15.36 -10.52 -11.48
CA SER A 262 -16.33 -10.30 -12.54
C SER A 262 -15.68 -9.58 -13.72
N ALA A 263 -16.38 -9.61 -14.86
CA ALA A 263 -15.82 -9.06 -16.09
C ALA A 263 -15.57 -7.56 -15.98
N ASP A 264 -16.43 -6.83 -15.27
CA ASP A 264 -16.29 -5.39 -15.15
C ASP A 264 -15.42 -4.96 -13.97
N GLY A 265 -14.71 -5.90 -13.35
CA GLY A 265 -13.78 -5.57 -12.29
C GLY A 265 -14.30 -5.76 -10.88
N GLY A 266 -15.47 -6.37 -10.70
CA GLY A 266 -16.00 -6.59 -9.37
C GLY A 266 -15.31 -7.75 -8.67
N LEU A 267 -15.33 -7.71 -7.33
CA LEU A 267 -14.73 -8.73 -6.50
C LEU A 267 -15.78 -9.29 -5.56
N PHE A 268 -15.76 -10.61 -5.37
CA PHE A 268 -16.72 -11.31 -4.53
C PHE A 268 -15.98 -12.36 -3.71
N GLY A 269 -16.54 -12.69 -2.55
CA GLY A 269 -15.92 -13.65 -1.66
C GLY A 269 -16.93 -14.40 -0.82
N TRP A 270 -16.52 -15.58 -0.38
CA TRP A 270 -17.33 -16.40 0.51
C TRP A 270 -16.43 -17.44 1.16
N GLY A 271 -17.00 -18.18 2.10
CA GLY A 271 -16.25 -19.21 2.80
C GLY A 271 -15.63 -18.75 4.10
N ASN A 272 -14.46 -19.28 4.43
CA ASN A 272 -13.81 -18.99 5.70
C ASN A 272 -13.44 -17.51 5.81
N SER A 273 -13.79 -16.91 6.93
CA SER A 273 -13.36 -15.54 7.24
C SER A 273 -12.90 -15.44 8.68
N GLU A 274 -12.13 -16.43 9.14
CA GLU A 274 -11.48 -16.34 10.45
C GLU A 274 -10.25 -15.44 10.42
N TYR A 275 -9.75 -15.08 9.25
CA TYR A 275 -8.48 -14.40 9.10
C TYR A 275 -8.64 -13.05 8.40
N LEU A 276 -9.80 -12.41 8.59
CA LEU A 276 -10.14 -11.08 8.08
C LEU A 276 -10.36 -11.04 6.57
N GLN A 277 -10.43 -12.20 5.91
CA GLN A 277 -10.59 -12.20 4.45
C GLN A 277 -11.84 -11.45 4.04
N LEU A 278 -12.96 -11.68 4.73
CA LEU A 278 -14.23 -11.06 4.39
C LEU A 278 -14.74 -10.13 5.48
N ALA A 279 -13.86 -9.72 6.40
CA ALA A 279 -14.29 -8.94 7.55
C ALA A 279 -14.75 -7.54 7.18
N SER A 280 -14.42 -7.05 5.98
CA SER A 280 -14.85 -5.71 5.58
C SER A 280 -16.35 -5.64 5.32
N VAL A 281 -17.04 -6.77 5.21
CA VAL A 281 -18.47 -6.78 4.94
C VAL A 281 -19.28 -7.55 5.97
N THR A 282 -18.65 -8.34 6.85
CA THR A 282 -19.41 -9.11 7.81
C THR A 282 -18.53 -9.46 9.01
N ASP A 283 -19.19 -9.65 10.16
CA ASP A 283 -18.55 -10.17 11.36
C ASP A 283 -18.55 -11.69 11.41
N SER A 284 -19.22 -12.35 10.47
CA SER A 284 -19.24 -13.81 10.45
C SER A 284 -17.91 -14.35 9.95
N THR A 285 -17.45 -15.43 10.56
CA THR A 285 -16.23 -16.11 10.13
C THR A 285 -16.52 -17.26 9.19
N GLN A 286 -17.79 -17.51 8.85
CA GLN A 286 -18.19 -18.61 7.97
C GLN A 286 -19.31 -18.07 7.08
N VAL A 287 -18.94 -17.61 5.89
CA VAL A 287 -19.85 -16.92 4.97
C VAL A 287 -20.28 -17.90 3.90
N ASN A 288 -21.54 -18.34 3.93
CA ASN A 288 -22.01 -19.33 2.97
C ASN A 288 -22.82 -18.73 1.82
N VAL A 289 -22.84 -17.40 1.69
CA VAL A 289 -23.47 -16.73 0.57
C VAL A 289 -22.44 -15.79 -0.04
N PRO A 290 -22.21 -15.83 -1.35
CA PRO A 290 -21.23 -14.91 -1.96
C PRO A 290 -21.58 -13.46 -1.71
N ARG A 291 -20.57 -12.68 -1.31
CA ARG A 291 -20.75 -11.26 -0.98
C ARG A 291 -19.86 -10.41 -1.88
N CYS A 292 -20.43 -9.33 -2.39
CA CYS A 292 -19.63 -8.34 -3.11
C CYS A 292 -18.66 -7.67 -2.15
N LEU A 293 -17.41 -7.52 -2.60
CA LEU A 293 -16.36 -6.87 -1.82
C LEU A 293 -15.98 -5.57 -2.52
N HIS A 294 -16.38 -4.44 -1.95
CA HIS A 294 -16.08 -3.13 -2.50
C HIS A 294 -14.89 -2.53 -1.76
N PHE A 295 -13.79 -2.31 -2.46
CA PHE A 295 -12.59 -1.71 -1.90
C PHE A 295 -12.20 -0.51 -2.75
N SER A 296 -12.57 0.69 -2.29
CA SER A 296 -12.12 1.90 -2.95
C SER A 296 -10.61 2.01 -2.85
N GLY A 297 -9.98 2.44 -3.95
CA GLY A 297 -8.54 2.47 -4.05
C GLY A 297 -7.94 1.29 -4.77
N VAL A 298 -8.67 0.18 -4.90
CA VAL A 298 -8.17 -0.95 -5.67
C VAL A 298 -8.48 -0.76 -7.15
N GLY A 299 -9.63 -0.14 -7.47
CA GLY A 299 -10.02 -0.03 -8.86
C GLY A 299 -10.69 -1.31 -9.35
N LYS A 300 -10.46 -1.62 -10.62
CA LYS A 300 -11.06 -2.79 -11.26
C LYS A 300 -10.15 -3.99 -11.06
N VAL A 301 -10.67 -5.02 -10.41
CA VAL A 301 -9.91 -6.24 -10.19
C VAL A 301 -9.93 -7.08 -11.45
N ARG A 302 -8.76 -7.51 -11.90
CA ARG A 302 -8.63 -8.35 -13.09
C ARG A 302 -8.26 -9.79 -12.76
N GLN A 303 -7.54 -10.02 -11.67
CA GLN A 303 -7.20 -11.37 -11.22
C GLN A 303 -7.32 -11.42 -9.70
N ALA A 304 -7.62 -12.61 -9.20
CA ALA A 304 -7.60 -12.87 -7.77
C ALA A 304 -6.84 -14.16 -7.50
N ALA A 305 -6.26 -14.23 -6.30
CA ALA A 305 -5.62 -15.44 -5.80
C ALA A 305 -5.94 -15.56 -4.32
N CYS A 306 -6.11 -16.79 -3.85
CA CYS A 306 -6.58 -17.03 -2.48
C CYS A 306 -5.81 -18.19 -1.87
N GLY A 307 -5.19 -17.93 -0.72
CA GLY A 307 -4.48 -18.94 0.03
C GLY A 307 -5.27 -19.43 1.23
N GLY A 308 -4.56 -20.02 2.18
CA GLY A 308 -5.21 -20.54 3.36
C GLY A 308 -5.75 -19.45 4.28
N THR A 309 -4.95 -18.41 4.49
CA THR A 309 -5.35 -17.29 5.34
C THR A 309 -5.20 -15.94 4.69
N GLY A 310 -4.62 -15.85 3.49
CA GLY A 310 -4.40 -14.59 2.82
C GLY A 310 -5.07 -14.55 1.45
N CYS A 311 -5.15 -13.34 0.90
CA CYS A 311 -5.76 -13.10 -0.39
C CYS A 311 -4.94 -12.07 -1.16
N ALA A 312 -5.03 -12.12 -2.48
CA ALA A 312 -4.34 -11.18 -3.35
C ALA A 312 -5.19 -10.89 -4.57
N VAL A 313 -5.13 -9.63 -5.04
CA VAL A 313 -5.80 -9.23 -6.27
C VAL A 313 -4.84 -8.41 -7.12
N LEU A 314 -5.10 -8.41 -8.42
CA LEU A 314 -4.36 -7.64 -9.41
C LEU A 314 -5.37 -6.75 -10.14
N ASN A 315 -5.11 -5.44 -10.15
CA ASN A 315 -6.05 -4.52 -10.75
C ASN A 315 -5.61 -4.17 -12.18
N GLY A 316 -6.32 -3.22 -12.80
CA GLY A 316 -6.08 -2.86 -14.19
C GLY A 316 -4.78 -2.13 -14.44
N GLU A 317 -4.10 -1.65 -13.39
CA GLU A 317 -2.82 -0.97 -13.52
C GLU A 317 -1.64 -1.91 -13.31
N GLY A 318 -1.90 -3.21 -13.14
CA GLY A 318 -0.82 -4.12 -12.82
C GLY A 318 -0.32 -4.03 -11.40
N HIS A 319 -1.15 -3.55 -10.48
CA HIS A 319 -0.79 -3.40 -9.08
C HIS A 319 -1.35 -4.57 -8.27
N VAL A 320 -0.55 -5.05 -7.33
CA VAL A 320 -0.92 -6.19 -6.50
C VAL A 320 -1.34 -5.68 -5.13
N PHE A 321 -2.45 -6.23 -4.62
CA PHE A 321 -2.96 -5.91 -3.29
C PHE A 321 -3.12 -7.19 -2.50
N VAL A 322 -2.74 -7.16 -1.22
CA VAL A 322 -2.80 -8.34 -0.37
C VAL A 322 -3.54 -7.99 0.91
N TRP A 323 -4.20 -8.99 1.49
CA TRP A 323 -4.88 -8.83 2.77
C TRP A 323 -5.19 -10.23 3.31
N GLY A 324 -5.84 -10.26 4.47
CA GLY A 324 -6.02 -11.50 5.20
C GLY A 324 -5.05 -11.58 6.37
N TYR A 325 -4.42 -12.75 6.54
CA TYR A 325 -3.45 -12.94 7.61
C TYR A 325 -2.24 -13.67 7.09
N GLY A 326 -1.07 -13.29 7.59
CA GLY A 326 0.16 -14.00 7.29
C GLY A 326 1.32 -13.11 6.94
N ILE A 327 2.24 -13.62 6.13
CA ILE A 327 3.38 -12.85 5.63
C ILE A 327 2.93 -12.30 4.29
N LEU A 328 2.27 -11.15 4.33
CA LEU A 328 1.50 -10.68 3.19
C LEU A 328 2.36 -10.00 2.12
N GLY A 329 3.53 -9.49 2.47
CA GLY A 329 4.44 -8.98 1.47
C GLY A 329 4.85 -7.53 1.59
N LYS A 330 4.52 -6.89 2.70
CA LYS A 330 4.89 -5.50 2.94
C LYS A 330 5.77 -5.35 4.18
N GLY A 331 6.59 -6.36 4.46
CA GLY A 331 7.51 -6.32 5.57
C GLY A 331 6.96 -7.00 6.80
N PRO A 332 7.77 -7.03 7.87
CA PRO A 332 7.36 -7.75 9.09
C PRO A 332 6.27 -7.05 9.88
N ASN A 333 5.95 -5.80 9.57
CA ASN A 333 4.94 -5.07 10.33
C ASN A 333 3.52 -5.28 9.81
N LEU A 334 3.35 -5.81 8.60
CA LEU A 334 2.03 -6.11 8.06
C LEU A 334 1.78 -7.60 8.22
N VAL A 335 0.96 -7.96 9.21
CA VAL A 335 0.62 -9.34 9.48
C VAL A 335 -0.84 -9.66 9.19
N GLU A 336 -1.73 -8.68 9.28
CA GLU A 336 -3.15 -8.91 9.05
C GLU A 336 -3.82 -7.62 8.59
N SER A 337 -4.87 -7.77 7.78
CA SER A 337 -5.67 -6.64 7.35
C SER A 337 -6.97 -7.14 6.76
N ALA A 338 -8.03 -6.36 6.96
CA ALA A 338 -9.32 -6.64 6.35
C ALA A 338 -9.48 -5.98 4.98
N VAL A 339 -8.56 -5.11 4.59
CA VAL A 339 -8.65 -4.38 3.33
C VAL A 339 -7.39 -4.60 2.52
N PRO A 340 -7.49 -4.66 1.19
CA PRO A 340 -6.31 -4.94 0.36
C PRO A 340 -5.24 -3.87 0.51
N GLU A 341 -4.01 -4.32 0.77
CA GLU A 341 -2.86 -3.45 0.94
C GLU A 341 -1.99 -3.53 -0.30
N MET A 342 -1.68 -2.36 -0.88
CA MET A 342 -0.93 -2.32 -2.12
C MET A 342 0.54 -2.63 -1.88
N ILE A 343 1.08 -3.57 -2.65
CA ILE A 343 2.51 -3.85 -2.62
C ILE A 343 3.22 -2.81 -3.49
N PRO A 344 4.26 -2.14 -2.98
CA PRO A 344 4.92 -1.08 -3.74
C PRO A 344 5.46 -1.61 -5.06
N PRO A 345 5.07 -1.00 -6.18
CA PRO A 345 5.55 -1.49 -7.49
C PRO A 345 7.06 -1.49 -7.63
N THR A 346 7.78 -0.66 -6.87
CA THR A 346 9.23 -0.68 -6.93
C THR A 346 9.79 -2.01 -6.45
N LEU A 347 9.05 -2.72 -5.59
CA LEU A 347 9.49 -4.04 -5.15
C LEU A 347 9.39 -5.08 -6.25
N PHE A 348 8.62 -4.83 -7.30
CA PHE A 348 8.58 -5.68 -8.47
C PHE A 348 9.50 -5.17 -9.58
N GLY A 349 10.36 -4.20 -9.29
CA GLY A 349 11.36 -3.75 -10.22
C GLY A 349 11.10 -2.41 -10.88
N LEU A 350 9.98 -1.75 -10.56
CA LEU A 350 9.66 -0.48 -11.20
C LEU A 350 10.68 0.59 -10.79
N THR A 351 11.28 1.24 -11.79
CA THR A 351 12.20 2.35 -11.57
C THR A 351 11.98 3.37 -12.68
N GLU A 352 12.68 4.51 -12.55
CA GLU A 352 12.62 5.52 -13.59
C GLU A 352 13.20 5.01 -14.90
N PHE A 353 14.20 4.12 -14.84
CA PHE A 353 14.76 3.54 -16.05
C PHE A 353 13.96 2.35 -16.56
N ASN A 354 13.03 1.81 -15.76
CA ASN A 354 12.12 0.75 -16.19
C ASN A 354 10.71 1.10 -15.73
N PRO A 355 10.11 2.14 -16.34
CA PRO A 355 8.81 2.62 -15.84
C PRO A 355 7.61 1.83 -16.33
N GLU A 356 7.80 0.90 -17.27
CA GLU A 356 6.70 0.11 -17.82
C GLU A 356 6.42 -1.16 -17.02
N ILE A 357 7.17 -1.41 -15.95
CA ILE A 357 7.04 -2.64 -15.19
C ILE A 357 5.69 -2.68 -14.50
N GLN A 358 4.99 -3.80 -14.63
CA GLN A 358 3.82 -4.09 -13.82
C GLN A 358 3.62 -5.60 -13.78
N VAL A 359 2.80 -6.05 -12.83
CA VAL A 359 2.54 -7.47 -12.66
C VAL A 359 1.44 -7.89 -13.63
N SER A 360 1.66 -9.01 -14.32
CA SER A 360 0.69 -9.53 -15.27
C SER A 360 0.00 -10.81 -14.81
N ARG A 361 0.47 -11.43 -13.73
CA ARG A 361 -0.15 -12.66 -13.24
C ARG A 361 0.19 -12.84 -11.77
N ILE A 362 -0.82 -13.21 -10.97
CA ILE A 362 -0.63 -13.50 -9.56
C ILE A 362 -1.13 -14.91 -9.27
N ARG A 363 -0.45 -15.58 -8.34
CA ARG A 363 -0.86 -16.90 -7.88
C ARG A 363 -0.59 -17.00 -6.39
N CYS A 364 -1.32 -17.90 -5.73
CA CYS A 364 -1.20 -18.13 -4.30
C CYS A 364 -0.94 -19.60 -4.02
N GLY A 365 -0.05 -19.86 -3.07
CA GLY A 365 -0.01 -21.14 -2.38
C GLY A 365 -0.84 -21.08 -1.12
N LEU A 366 -0.66 -22.09 -0.27
CA LEU A 366 -1.38 -22.09 1.01
C LEU A 366 -0.93 -20.92 1.88
N SER A 367 0.37 -20.62 1.89
CA SER A 367 0.89 -19.56 2.74
C SER A 367 1.93 -18.68 2.06
N HIS A 368 2.12 -18.79 0.75
CA HIS A 368 3.06 -17.94 0.05
C HIS A 368 2.41 -17.41 -1.22
N PHE A 369 3.08 -16.45 -1.85
CA PHE A 369 2.51 -15.71 -2.97
C PHE A 369 3.50 -15.70 -4.12
N ALA A 370 2.98 -15.45 -5.32
CA ALA A 370 3.80 -15.43 -6.52
C ALA A 370 3.25 -14.39 -7.48
N ALA A 371 4.16 -13.66 -8.14
CA ALA A 371 3.78 -12.66 -9.12
C ALA A 371 4.73 -12.73 -10.30
N LEU A 372 4.17 -12.74 -11.50
CA LEU A 372 4.94 -12.63 -12.74
C LEU A 372 4.75 -11.23 -13.31
N THR A 373 5.85 -10.56 -13.62
CA THR A 373 5.80 -9.22 -14.19
C THR A 373 5.81 -9.29 -15.71
N ASN A 374 5.42 -8.17 -16.33
CA ASN A 374 5.46 -8.09 -17.79
C ASN A 374 6.88 -8.08 -18.35
N LYS A 375 7.90 -8.12 -17.49
CA LYS A 375 9.28 -8.33 -17.89
C LYS A 375 9.67 -9.81 -17.90
N GLY A 376 8.73 -10.70 -17.62
CA GLY A 376 9.04 -12.12 -17.58
C GLY A 376 9.80 -12.56 -16.34
N GLU A 377 9.63 -11.85 -15.23
CA GLU A 377 10.33 -12.14 -13.99
C GLU A 377 9.36 -12.66 -12.95
N LEU A 378 9.78 -13.68 -12.21
CA LEU A 378 8.97 -14.29 -11.16
C LEU A 378 9.43 -13.79 -9.80
N PHE A 379 8.47 -13.29 -9.01
CA PHE A 379 8.71 -12.84 -7.65
C PHE A 379 7.87 -13.70 -6.70
N VAL A 380 8.44 -14.05 -5.55
CA VAL A 380 7.73 -14.84 -4.55
C VAL A 380 7.93 -14.20 -3.18
N TRP A 381 6.99 -14.47 -2.29
CA TRP A 381 7.08 -14.00 -0.91
C TRP A 381 6.08 -14.78 -0.07
N GLY A 382 6.20 -14.61 1.25
CA GLY A 382 5.34 -15.30 2.20
C GLY A 382 6.13 -16.28 3.06
N LYS A 383 5.39 -17.26 3.58
CA LYS A 383 6.02 -18.32 4.36
C LYS A 383 6.87 -19.20 3.44
N ASN A 384 8.10 -19.47 3.86
CA ASN A 384 8.99 -20.39 3.15
C ASN A 384 8.86 -21.74 3.83
N ILE A 385 7.90 -22.54 3.39
CA ILE A 385 7.65 -23.85 3.98
C ILE A 385 8.46 -24.89 3.20
N ARG A 386 9.54 -25.37 3.81
CA ARG A 386 10.40 -26.39 3.22
C ARG A 386 10.90 -25.96 1.84
N GLY A 387 11.43 -24.76 1.76
CA GLY A 387 12.01 -24.27 0.52
C GLY A 387 11.05 -24.08 -0.62
N CYS A 388 9.76 -23.90 -0.33
CA CYS A 388 8.77 -23.74 -1.39
C CYS A 388 8.92 -22.41 -2.14
N LEU A 389 9.71 -21.47 -1.63
CA LEU A 389 9.96 -20.23 -2.33
C LEU A 389 10.98 -20.39 -3.45
N GLY A 390 11.84 -21.40 -3.38
CA GLY A 390 12.79 -21.67 -4.44
C GLY A 390 13.88 -20.63 -4.60
N ILE A 391 14.30 -20.00 -3.50
CA ILE A 391 15.25 -18.92 -3.53
C ILE A 391 16.57 -19.31 -2.87
N GLY A 392 16.84 -20.60 -2.75
CA GLY A 392 18.06 -21.06 -2.11
C GLY A 392 17.99 -20.98 -0.60
N ARG A 393 17.99 -19.76 -0.06
CA ARG A 393 17.83 -19.57 1.37
C ARG A 393 16.47 -20.06 1.83
N LEU A 394 16.39 -20.47 3.09
CA LEU A 394 15.20 -21.14 3.62
C LEU A 394 14.32 -20.25 4.48
N GLU A 395 14.70 -18.98 4.67
CA GLU A 395 13.93 -18.10 5.54
C GLU A 395 12.68 -17.58 4.83
N ASP A 396 11.69 -17.21 5.64
CA ASP A 396 10.51 -16.51 5.12
C ASP A 396 10.93 -15.22 4.43
N GLN A 397 10.07 -14.74 3.52
CA GLN A 397 10.33 -13.55 2.72
C GLN A 397 9.18 -12.57 2.94
N TYR A 398 9.46 -11.45 3.62
CA TYR A 398 8.42 -10.48 3.92
C TYR A 398 8.23 -9.45 2.83
N PHE A 399 9.08 -9.44 1.81
CA PHE A 399 8.97 -8.62 0.62
C PHE A 399 9.10 -9.50 -0.61
N PRO A 400 8.55 -9.09 -1.74
CA PRO A 400 8.73 -9.88 -2.97
C PRO A 400 10.21 -10.08 -3.29
N TRP A 401 10.54 -11.27 -3.78
CA TRP A 401 11.92 -11.65 -4.04
C TRP A 401 11.99 -12.39 -5.36
N ARG A 402 12.92 -12.00 -6.22
CA ARG A 402 13.01 -12.58 -7.55
C ARG A 402 13.57 -13.99 -7.50
N VAL A 403 12.98 -14.89 -8.28
CA VAL A 403 13.43 -16.27 -8.40
C VAL A 403 14.20 -16.42 -9.71
N THR A 404 15.36 -17.04 -9.65
CA THR A 404 16.23 -17.22 -10.80
C THR A 404 16.10 -18.65 -11.33
N MET A 405 15.96 -18.78 -12.64
CA MET A 405 15.88 -20.09 -13.28
C MET A 405 16.26 -19.96 -14.74
N PRO A 406 16.78 -21.02 -15.37
CA PRO A 406 17.18 -20.96 -16.78
C PRO A 406 16.00 -20.98 -17.75
N GLY A 407 15.17 -19.95 -17.67
CA GLY A 407 14.02 -19.83 -18.55
C GLY A 407 13.15 -18.67 -18.10
N GLU A 408 12.21 -18.33 -18.99
CA GLU A 408 11.27 -17.26 -18.68
C GLU A 408 9.98 -17.86 -18.14
N PRO A 409 9.61 -17.59 -16.90
CA PRO A 409 8.35 -18.13 -16.37
C PRO A 409 7.15 -17.60 -17.12
N VAL A 410 6.22 -18.50 -17.45
CA VAL A 410 4.96 -18.15 -18.09
C VAL A 410 3.80 -18.25 -17.11
N ASP A 411 3.79 -19.28 -16.28
CA ASP A 411 2.80 -19.41 -15.20
C ASP A 411 3.40 -20.31 -14.13
N VAL A 412 2.80 -20.26 -12.94
CA VAL A 412 3.25 -21.07 -11.82
C VAL A 412 2.05 -21.69 -11.14
N ALA A 413 2.28 -22.86 -10.53
CA ALA A 413 1.34 -23.47 -9.60
C ALA A 413 2.01 -23.54 -8.24
N CYS A 414 1.26 -23.19 -7.20
CA CYS A 414 1.80 -23.07 -5.85
C CYS A 414 1.07 -24.04 -4.94
N GLY A 415 1.82 -24.91 -4.26
CA GLY A 415 1.27 -25.85 -3.32
C GLY A 415 1.38 -25.37 -1.90
N VAL A 416 1.35 -26.32 -0.97
CA VAL A 416 1.62 -26.00 0.42
C VAL A 416 3.11 -25.83 0.66
N ASP A 417 3.91 -26.79 0.21
CA ASP A 417 5.35 -26.77 0.42
C ASP A 417 6.14 -27.06 -0.85
N HIS A 418 5.53 -26.92 -2.03
CA HIS A 418 6.28 -27.05 -3.26
C HIS A 418 5.67 -26.15 -4.33
N MET A 419 6.37 -26.03 -5.44
CA MET A 419 5.99 -25.13 -6.52
C MET A 419 6.38 -25.74 -7.86
N VAL A 420 5.59 -25.42 -8.88
CA VAL A 420 5.88 -25.80 -10.26
C VAL A 420 5.82 -24.54 -11.11
N THR A 421 6.75 -24.41 -12.04
CA THR A 421 6.78 -23.29 -12.97
C THR A 421 6.79 -23.81 -14.39
N LEU A 422 5.89 -23.28 -15.22
CA LEU A 422 5.91 -23.50 -16.66
C LEU A 422 6.68 -22.37 -17.32
N ALA A 423 7.71 -22.71 -18.10
CA ALA A 423 8.65 -21.72 -18.58
C ALA A 423 8.95 -21.93 -20.06
N LYS A 424 9.47 -20.88 -20.69
CA LYS A 424 9.94 -20.91 -22.05
C LYS A 424 11.47 -20.89 -22.07
N SER A 425 12.04 -21.57 -23.07
CA SER A 425 13.48 -21.75 -23.16
C SER A 425 14.26 -20.44 -23.11
N ARG B 26 17.51 0.71 5.47
CA ARG B 26 16.48 1.71 5.27
C ARG B 26 17.04 3.13 5.27
N ALA B 27 17.59 3.52 4.14
CA ALA B 27 18.12 4.87 3.97
C ALA B 27 16.99 5.88 3.96
N ASP B 28 17.35 7.15 4.16
CA ASP B 28 16.38 8.21 4.11
C ASP B 28 16.12 8.63 2.67
N ARG B 29 14.88 9.02 2.39
CA ARG B 29 14.48 9.47 1.07
C ARG B 29 13.66 10.74 1.22
N VAL B 30 13.82 11.65 0.27
CA VAL B 30 13.06 12.90 0.23
C VAL B 30 12.33 12.93 -1.10
N PHE B 31 11.01 13.07 -1.03
CA PHE B 31 10.16 13.13 -2.22
C PHE B 31 9.53 14.50 -2.33
N VAL B 32 9.47 15.03 -3.56
CA VAL B 32 8.91 16.35 -3.84
C VAL B 32 7.96 16.22 -5.02
N TRP B 33 6.96 17.10 -5.06
CA TRP B 33 6.02 17.14 -6.17
C TRP B 33 5.22 18.44 -6.09
N GLY B 34 4.53 18.75 -7.19
CA GLY B 34 3.73 19.95 -7.27
C GLY B 34 4.27 20.95 -8.27
N PHE B 35 4.02 22.24 -8.02
CA PHE B 35 4.51 23.29 -8.89
C PHE B 35 6.03 23.36 -8.81
N SER B 36 6.70 23.27 -9.97
CA SER B 36 8.14 23.18 -10.01
C SER B 36 8.83 24.39 -10.62
N PHE B 37 8.10 25.30 -11.24
CA PHE B 37 8.74 26.32 -12.07
C PHE B 37 9.34 27.48 -11.27
N SER B 38 9.06 27.57 -9.98
CA SER B 38 9.77 28.54 -9.14
C SER B 38 10.98 27.93 -8.46
N GLY B 39 11.25 26.64 -8.70
CA GLY B 39 12.40 25.96 -8.13
C GLY B 39 12.17 25.34 -6.78
N ALA B 40 10.93 25.33 -6.28
CA ALA B 40 10.67 24.89 -4.91
C ALA B 40 10.91 23.40 -4.71
N LEU B 41 10.98 22.61 -5.79
CA LEU B 41 11.20 21.18 -5.65
C LEU B 41 12.68 20.80 -5.64
N GLY B 42 13.56 21.70 -6.09
CA GLY B 42 14.98 21.50 -5.96
C GLY B 42 15.64 20.65 -7.02
N VAL B 43 14.97 20.37 -8.13
CA VAL B 43 15.55 19.61 -9.22
C VAL B 43 15.72 20.55 -10.41
N PRO B 44 16.94 21.01 -10.70
CA PRO B 44 17.12 21.99 -11.78
C PRO B 44 16.67 21.50 -13.16
N SER B 45 16.66 20.18 -13.39
CA SER B 45 16.19 19.68 -14.68
C SER B 45 14.69 19.81 -14.86
N PHE B 46 13.96 20.19 -13.81
CA PHE B 46 12.51 20.32 -13.90
C PHE B 46 12.07 21.54 -14.70
N VAL B 47 12.94 22.56 -14.82
CA VAL B 47 12.57 23.79 -15.50
C VAL B 47 13.15 23.90 -16.90
N VAL B 48 13.83 22.86 -17.38
CA VAL B 48 14.40 22.86 -18.73
C VAL B 48 14.14 21.51 -19.37
N PRO B 49 14.09 21.48 -20.71
CA PRO B 49 13.95 20.18 -21.39
C PRO B 49 15.06 19.22 -20.99
N SER B 50 14.66 18.02 -20.59
CA SER B 50 15.60 17.00 -20.14
C SER B 50 15.02 15.64 -20.46
N SER B 51 15.79 14.59 -20.16
CA SER B 51 15.35 13.23 -20.38
C SER B 51 15.57 12.37 -19.14
N PRO B 53 15.57 8.56 -19.27
CA PRO B 53 15.75 7.11 -19.48
C PRO B 53 17.15 6.76 -19.97
N GLY B 54 17.22 6.08 -21.12
CA GLY B 54 18.48 5.57 -21.60
C GLY B 54 19.28 6.59 -22.39
N PRO B 55 20.44 6.15 -22.86
CA PRO B 55 21.33 7.07 -23.59
C PRO B 55 20.78 7.49 -24.95
N ARG B 56 19.80 6.77 -25.48
CA ARG B 56 19.21 7.12 -26.76
C ARG B 56 17.95 7.96 -26.63
N ALA B 57 17.53 8.27 -25.41
CA ALA B 57 16.33 9.08 -25.19
C ALA B 57 16.62 10.54 -25.48
N GLY B 58 15.83 11.14 -26.38
CA GLY B 58 15.96 12.56 -26.63
C GLY B 58 15.39 13.40 -25.51
N ALA B 59 15.82 14.66 -25.47
CA ALA B 59 15.30 15.59 -24.48
C ALA B 59 13.81 15.82 -24.72
N ARG B 60 13.02 15.88 -23.64
CA ARG B 60 11.58 16.13 -23.71
C ARG B 60 11.25 17.45 -23.01
N PRO B 61 10.24 18.20 -23.47
CA PRO B 61 9.87 19.43 -22.78
C PRO B 61 9.32 19.13 -21.40
N ARG B 62 9.62 20.01 -20.45
CA ARG B 62 9.03 19.93 -19.13
C ARG B 62 7.79 20.82 -19.07
N ARG B 63 6.88 20.47 -18.17
CA ARG B 63 5.79 21.34 -17.81
C ARG B 63 6.11 21.98 -16.47
N ARG B 64 5.24 22.90 -16.03
CA ARG B 64 5.49 23.60 -14.79
C ARG B 64 5.13 22.78 -13.55
N ILE B 65 4.71 21.53 -13.73
CA ILE B 65 4.20 20.69 -12.65
C ILE B 65 4.96 19.38 -12.64
N GLN B 66 5.26 18.87 -11.44
CA GLN B 66 5.71 17.50 -11.25
C GLN B 66 4.57 16.74 -10.59
N PRO B 67 3.77 15.98 -11.35
CA PRO B 67 2.48 15.50 -10.83
C PRO B 67 2.55 14.24 -9.98
N VAL B 68 3.71 13.60 -9.88
CA VAL B 68 3.86 12.40 -9.04
C VAL B 68 5.11 12.55 -8.20
N PRO B 69 5.21 11.87 -7.06
CA PRO B 69 6.41 12.02 -6.21
C PRO B 69 7.68 11.70 -6.99
N TYR B 70 8.72 12.51 -6.74
CA TYR B 70 10.03 12.31 -7.34
C TYR B 70 11.07 12.42 -6.24
N ARG B 71 12.12 11.60 -6.34
CA ARG B 71 13.11 11.51 -5.27
C ARG B 71 14.17 12.59 -5.43
N LEU B 72 14.21 13.51 -4.47
CA LEU B 72 15.24 14.55 -4.42
C LEU B 72 16.52 13.95 -3.83
N GLU B 73 17.59 13.95 -4.62
CA GLU B 73 18.83 13.31 -4.21
C GLU B 73 19.62 14.23 -3.29
N LEU B 74 19.83 13.79 -2.05
CA LEU B 74 20.52 14.58 -1.04
C LEU B 74 21.33 13.65 -0.16
N ASP B 75 22.61 13.96 0.01
CA ASP B 75 23.46 13.16 0.89
C ASP B 75 23.31 13.52 2.36
N GLN B 76 22.63 14.61 2.68
CA GLN B 76 22.39 14.99 4.06
C GLN B 76 21.09 14.37 4.56
N LYS B 77 21.00 14.22 5.87
CA LYS B 77 19.84 13.60 6.52
C LYS B 77 18.88 14.69 6.94
N ILE B 78 17.74 14.79 6.26
CA ILE B 78 16.76 15.83 6.52
C ILE B 78 15.79 15.32 7.57
N SER B 79 15.65 16.08 8.67
CA SER B 79 14.72 15.75 9.73
C SER B 79 13.57 16.75 9.83
N SER B 80 13.64 17.88 9.15
CA SER B 80 12.57 18.86 9.16
C SER B 80 12.46 19.50 7.79
N ALA B 81 11.23 19.61 7.28
CA ALA B 81 10.95 20.22 6.00
C ALA B 81 9.82 21.22 6.15
N ALA B 82 9.86 22.27 5.34
CA ALA B 82 8.83 23.31 5.40
C ALA B 82 8.60 23.85 4.00
N CYS B 83 7.33 24.02 3.65
CA CYS B 83 6.93 24.54 2.34
C CYS B 83 6.37 25.94 2.53
N GLY B 84 7.10 26.93 2.02
CA GLY B 84 6.57 28.28 1.90
C GLY B 84 5.69 28.41 0.68
N TYR B 85 5.28 29.65 0.41
CA TYR B 85 4.51 29.95 -0.79
C TYR B 85 5.49 30.04 -1.95
N GLY B 86 5.79 28.89 -2.54
CA GLY B 86 6.69 28.84 -3.68
C GLY B 86 8.15 28.61 -3.35
N PHE B 87 8.48 28.24 -2.12
CA PHE B 87 9.86 27.95 -1.75
C PHE B 87 9.86 26.90 -0.65
N THR B 88 11.05 26.37 -0.36
CA THR B 88 11.20 25.22 0.52
C THR B 88 12.45 25.38 1.38
N LEU B 89 12.34 24.95 2.65
CA LEU B 89 13.48 24.80 3.53
C LEU B 89 13.57 23.37 4.02
N LEU B 90 14.80 22.83 4.03
CA LEU B 90 15.09 21.51 4.58
C LEU B 90 16.22 21.66 5.58
N SER B 91 16.10 20.99 6.73
CA SER B 91 17.08 21.12 7.78
C SER B 91 17.49 19.76 8.33
N SER B 92 18.75 19.67 8.74
CA SER B 92 19.33 18.50 9.38
C SER B 92 19.69 18.85 10.82
N LYS B 93 19.67 17.83 11.69
CA LYS B 93 20.10 18.01 13.06
C LYS B 93 21.60 17.88 13.23
N THR B 94 22.35 17.81 12.14
CA THR B 94 23.78 17.53 12.20
C THR B 94 24.53 18.66 12.94
N ALA B 95 25.62 18.26 13.60
CA ALA B 95 26.51 19.24 14.21
C ALA B 95 27.44 19.89 13.20
N ASP B 96 27.48 19.37 11.97
CA ASP B 96 28.24 20.01 10.90
C ASP B 96 27.73 21.43 10.67
N VAL B 97 28.60 22.27 10.11
CA VAL B 97 28.30 23.70 10.04
C VAL B 97 27.15 23.99 9.07
N THR B 98 26.98 23.17 8.05
CA THR B 98 25.88 23.34 7.09
C THR B 98 24.68 22.54 7.58
N LYS B 99 23.60 23.25 7.95
CA LYS B 99 22.46 22.61 8.59
C LYS B 99 21.13 22.85 7.88
N VAL B 100 21.03 23.84 7.00
CA VAL B 100 19.76 24.16 6.32
C VAL B 100 20.03 24.34 4.84
N TRP B 101 19.09 23.88 4.02
CA TRP B 101 19.14 24.04 2.58
C TRP B 101 17.81 24.61 2.09
N GLY B 102 17.87 25.45 1.06
CA GLY B 102 16.68 26.10 0.55
C GLY B 102 16.66 26.11 -0.95
N MET B 103 15.45 26.18 -1.50
CA MET B 103 15.24 26.29 -2.94
C MET B 103 13.91 26.99 -3.19
N GLY B 104 13.82 27.64 -4.34
CA GLY B 104 12.59 28.27 -4.77
C GLY B 104 12.70 29.77 -4.83
N LEU B 105 11.54 30.42 -4.64
CA LEU B 105 11.46 31.87 -4.68
C LEU B 105 12.30 32.49 -3.57
N ASN B 106 13.09 33.51 -3.93
CA ASN B 106 14.00 34.14 -2.97
C ASN B 106 14.07 35.66 -3.16
N LYS B 107 13.01 36.27 -3.68
CA LYS B 107 13.04 37.70 -3.94
C LYS B 107 13.04 38.52 -2.66
N ASP B 108 12.67 37.93 -1.52
CA ASP B 108 12.76 38.61 -0.23
C ASP B 108 13.86 38.01 0.65
N SER B 109 14.74 37.20 0.09
CA SER B 109 15.79 36.49 0.84
C SER B 109 15.19 35.55 1.89
N GLN B 110 14.01 34.97 1.61
CA GLN B 110 13.43 34.00 2.52
C GLN B 110 14.26 32.72 2.60
N LEU B 111 15.16 32.50 1.65
CA LEU B 111 16.14 31.43 1.72
C LEU B 111 17.48 31.94 2.22
N GLY B 112 17.54 33.19 2.66
CA GLY B 112 18.79 33.81 3.00
C GLY B 112 19.51 34.31 1.76
N PHE B 113 20.74 34.76 2.00
CA PHE B 113 21.53 35.30 0.90
C PHE B 113 22.00 34.17 0.00
N HIS B 114 21.95 34.42 -1.30
CA HIS B 114 22.50 33.51 -2.29
C HIS B 114 23.06 34.28 -3.47
N TYR B 118 20.01 35.76 -8.54
CA TYR B 118 18.97 34.80 -8.91
C TYR B 118 17.74 34.95 -8.01
N GLU B 119 16.61 35.34 -8.62
CA GLU B 119 15.38 35.46 -7.87
C GLU B 119 14.78 34.11 -7.51
N TYR B 120 15.22 33.04 -8.16
CA TYR B 120 14.73 31.70 -7.90
C TYR B 120 15.93 30.76 -7.78
N VAL B 121 15.98 30.02 -6.68
CA VAL B 121 17.03 29.06 -6.41
C VAL B 121 16.53 27.69 -6.86
N LEU B 122 17.23 27.09 -7.83
CA LEU B 122 16.70 25.92 -8.52
C LEU B 122 17.08 24.59 -7.87
N GLU B 123 18.12 24.56 -7.05
CA GLU B 123 18.56 23.35 -6.38
C GLU B 123 18.78 23.64 -4.91
N PRO B 124 18.70 22.62 -4.04
CA PRO B 124 18.88 22.85 -2.60
C PRO B 124 20.25 23.46 -2.32
N SER B 125 20.24 24.67 -1.79
CA SER B 125 21.47 25.42 -1.59
C SER B 125 21.67 25.70 -0.11
N PRO B 126 22.91 25.64 0.38
CA PRO B 126 23.17 25.86 1.81
C PRO B 126 22.67 27.23 2.25
N VAL B 127 21.96 27.25 3.37
CA VAL B 127 21.41 28.47 3.95
C VAL B 127 22.37 28.96 5.03
N SER B 128 22.82 30.20 4.90
CA SER B 128 23.75 30.77 5.86
C SER B 128 23.04 31.20 7.13
N LEU B 129 23.53 30.73 8.27
CA LEU B 129 23.02 31.13 9.57
C LEU B 129 24.13 31.75 10.40
N PRO B 130 23.89 32.89 11.05
CA PRO B 130 24.92 33.54 11.88
C PRO B 130 24.96 32.97 13.31
N LEU B 131 25.27 31.68 13.41
CA LEU B 131 25.27 31.00 14.70
C LEU B 131 26.53 31.33 15.49
N ASP B 132 26.37 31.40 16.81
CA ASP B 132 27.52 31.59 17.69
C ASP B 132 28.46 30.38 17.63
N ARG B 133 27.89 29.18 17.66
CA ARG B 133 28.65 27.92 17.71
C ARG B 133 28.14 27.00 16.62
N PRO B 134 28.56 27.22 15.38
CA PRO B 134 28.02 26.40 14.27
C PRO B 134 28.45 24.94 14.33
N GLN B 135 29.45 24.59 15.11
CA GLN B 135 29.88 23.20 15.23
C GLN B 135 29.22 22.48 16.40
N GLU B 136 28.44 23.18 17.22
CA GLU B 136 27.72 22.56 18.33
C GLU B 136 26.23 22.73 18.21
N THR B 137 25.75 23.95 17.98
CA THR B 137 24.32 24.20 17.88
C THR B 137 23.70 23.37 16.76
N ARG B 138 22.47 22.91 16.98
CA ARG B 138 21.76 22.09 16.01
C ARG B 138 20.43 22.74 15.65
N VAL B 139 20.05 22.61 14.38
CA VAL B 139 18.74 23.07 13.93
C VAL B 139 17.73 21.97 14.17
N LEU B 140 16.59 22.33 14.78
CA LEU B 140 15.56 21.37 15.11
C LEU B 140 14.33 21.44 14.24
N GLN B 141 14.04 22.60 13.64
CA GLN B 141 12.80 22.77 12.89
C GLN B 141 12.89 24.00 12.01
N VAL B 142 12.27 23.92 10.83
CA VAL B 142 12.13 25.06 9.92
C VAL B 142 10.65 25.29 9.67
N SER B 143 10.31 26.53 9.31
CA SER B 143 8.95 26.90 8.96
C SER B 143 9.01 28.04 7.95
N CYS B 144 8.01 28.10 7.08
CA CYS B 144 7.99 29.07 5.99
C CYS B 144 6.58 29.59 5.75
N GLY B 145 6.47 30.91 5.54
CA GLY B 145 5.19 31.53 5.24
C GLY B 145 5.11 32.03 3.81
N ARG B 146 4.43 33.16 3.61
CA ARG B 146 4.31 33.73 2.27
C ARG B 146 5.66 34.19 1.73
N ALA B 147 6.47 34.82 2.58
CA ALA B 147 7.75 35.35 2.12
C ALA B 147 8.78 35.41 3.25
N HIS B 148 8.57 34.72 4.36
CA HIS B 148 9.51 34.73 5.47
C HIS B 148 9.71 33.29 5.96
N SER B 149 10.77 33.10 6.74
CA SER B 149 11.18 31.77 7.20
C SER B 149 11.62 31.86 8.65
N LEU B 150 11.43 30.75 9.37
CA LEU B 150 11.88 30.63 10.76
C LEU B 150 12.70 29.37 10.92
N VAL B 151 13.83 29.50 11.62
CA VAL B 151 14.75 28.39 11.86
C VAL B 151 14.92 28.25 13.37
N LEU B 152 14.54 27.09 13.90
CA LEU B 152 14.59 26.82 15.33
C LEU B 152 15.83 26.00 15.64
N THR B 153 16.67 26.51 16.54
CA THR B 153 17.84 25.80 17.03
C THR B 153 17.61 25.30 18.45
N ASP B 154 18.45 24.36 18.88
CA ASP B 154 18.26 23.80 20.21
C ASP B 154 18.73 24.72 21.32
N ARG B 155 19.77 25.53 21.07
CA ARG B 155 20.36 26.31 22.16
C ARG B 155 20.74 27.74 21.77
N GLU B 156 20.35 28.22 20.59
CA GLU B 156 20.62 29.61 20.22
C GLU B 156 19.36 30.37 19.84
N GLY B 157 18.17 29.80 20.06
CA GLY B 157 16.93 30.50 19.83
C GLY B 157 16.40 30.35 18.41
N VAL B 158 15.60 31.31 17.97
CA VAL B 158 14.95 31.28 16.67
C VAL B 158 15.59 32.32 15.77
N PHE B 159 15.86 31.94 14.53
CA PHE B 159 16.39 32.85 13.52
C PHE B 159 15.34 33.06 12.44
N SER B 160 15.21 34.30 11.98
CA SER B 160 14.23 34.66 10.97
C SER B 160 14.92 35.32 9.78
N MET B 161 14.27 35.23 8.62
CA MET B 161 14.82 35.74 7.38
C MET B 161 13.67 35.95 6.41
N GLY B 162 13.91 36.78 5.41
CA GLY B 162 12.89 37.04 4.42
C GLY B 162 12.19 38.38 4.61
N ASN B 163 10.95 38.47 4.15
CA ASN B 163 10.23 39.72 4.19
C ASN B 163 9.83 40.09 5.63
N ASN B 164 9.90 41.38 5.94
CA ASN B 164 9.52 41.91 7.24
C ASN B 164 8.62 43.13 7.08
N SER B 165 7.88 43.22 5.98
CA SER B 165 7.00 44.36 5.76
C SER B 165 5.95 44.50 6.85
N TYR B 166 5.67 43.43 7.60
CA TYR B 166 4.64 43.45 8.63
C TYR B 166 5.18 43.00 9.99
N GLY B 167 6.50 42.99 10.16
CA GLY B 167 7.09 42.55 11.41
C GLY B 167 7.08 41.06 11.63
N GLN B 168 6.75 40.27 10.61
CA GLN B 168 6.64 38.82 10.78
C GLN B 168 7.99 38.16 11.08
N CYS B 169 9.10 38.86 10.86
CA CYS B 169 10.42 38.34 11.21
C CYS B 169 10.83 38.67 12.64
N GLY B 170 9.96 39.33 13.41
CA GLY B 170 10.26 39.58 14.80
C GLY B 170 11.20 40.74 15.06
N ARG B 171 11.31 41.67 14.12
CA ARG B 171 12.11 42.88 14.30
C ARG B 171 11.31 44.07 13.77
N LYS B 172 11.71 45.27 14.20
CA LYS B 172 10.98 46.48 13.83
C LYS B 172 10.90 46.62 12.32
N VAL B 173 9.74 47.05 11.83
CA VAL B 173 9.57 47.31 10.41
C VAL B 173 10.43 48.51 10.01
N VAL B 174 11.22 48.35 8.96
CA VAL B 174 12.04 49.43 8.41
C VAL B 174 11.38 49.87 7.11
N GLU B 175 11.04 51.16 7.04
CA GLU B 175 10.07 51.67 6.07
C GLU B 175 10.37 51.21 4.65
N ASN B 176 11.55 51.54 4.13
CA ASN B 176 11.90 51.28 2.73
C ASN B 176 12.98 50.22 2.61
N GLU B 177 12.92 49.19 3.45
CA GLU B 177 13.91 48.12 3.38
C GLU B 177 13.82 47.39 2.06
N ILE B 178 14.98 47.06 1.48
CA ILE B 178 15.07 46.24 0.29
C ILE B 178 15.45 44.83 0.74
N TYR B 179 14.55 43.88 0.53
CA TYR B 179 14.69 42.55 1.09
C TYR B 179 15.44 41.58 0.19
N SER B 180 15.66 41.92 -1.07
CA SER B 180 16.37 41.04 -1.99
C SER B 180 17.88 41.14 -1.77
N GLU B 181 18.56 40.00 -1.91
CA GLU B 181 20.01 39.92 -1.83
C GLU B 181 20.53 40.55 -0.53
N SER B 182 19.91 40.16 0.58
CA SER B 182 20.20 40.72 1.89
C SER B 182 20.73 39.62 2.80
N HIS B 183 21.82 39.92 3.51
CA HIS B 183 22.40 38.99 4.47
C HIS B 183 21.67 39.01 5.81
N ARG B 184 20.55 39.73 5.92
CA ARG B 184 19.88 39.88 7.20
C ARG B 184 19.33 38.55 7.69
N VAL B 185 19.74 38.16 8.90
CA VAL B 185 19.16 37.04 9.62
C VAL B 185 19.01 37.49 11.07
N HIS B 186 17.76 37.65 11.52
CA HIS B 186 17.48 38.13 12.87
C HIS B 186 17.47 36.96 13.83
N ARG B 187 17.97 37.18 15.04
CA ARG B 187 18.00 36.17 16.09
C ARG B 187 17.06 36.58 17.21
N MET B 188 16.24 35.62 17.65
CA MET B 188 15.32 35.82 18.77
C MET B 188 15.69 34.80 19.85
N GLN B 189 16.21 35.29 20.98
CA GLN B 189 16.81 34.42 21.99
C GLN B 189 16.36 34.78 23.41
N ASP B 190 15.25 35.50 23.56
CA ASP B 190 14.84 35.99 24.87
C ASP B 190 13.35 35.69 25.11
N PHE B 191 13.03 34.40 25.07
CA PHE B 191 11.71 33.90 25.45
C PHE B 191 11.76 33.37 26.89
N ASP B 192 10.59 33.26 27.49
CA ASP B 192 10.45 32.62 28.80
C ASP B 192 10.48 31.11 28.59
N GLY B 193 11.69 30.54 28.63
CA GLY B 193 11.89 29.14 28.33
C GLY B 193 12.42 28.95 26.91
N GLN B 194 12.69 27.69 26.59
CA GLN B 194 13.17 27.32 25.28
C GLN B 194 12.00 27.13 24.31
N VAL B 195 12.17 27.59 23.08
CA VAL B 195 11.16 27.42 22.06
C VAL B 195 11.24 25.99 21.52
N VAL B 196 10.08 25.32 21.43
CA VAL B 196 10.03 23.94 20.96
C VAL B 196 9.27 23.80 19.65
N GLN B 197 8.55 24.81 19.20
CA GLN B 197 7.88 24.77 17.90
C GLN B 197 7.76 26.19 17.35
N VAL B 198 8.00 26.34 16.05
CA VAL B 198 7.72 27.57 15.33
C VAL B 198 6.75 27.25 14.19
N ALA B 199 5.88 28.20 13.88
CA ALA B 199 4.91 28.03 12.82
C ALA B 199 4.71 29.36 12.11
N CYS B 200 4.96 29.38 10.80
CA CYS B 200 4.74 30.57 9.99
C CYS B 200 3.32 30.58 9.47
N GLY B 201 2.63 31.71 9.67
CA GLY B 201 1.43 32.02 8.93
C GLY B 201 1.78 32.75 7.65
N GLN B 202 0.75 33.30 7.01
CA GLN B 202 0.97 34.04 5.77
C GLN B 202 1.91 35.22 6.01
N ASP B 203 1.55 36.10 6.94
CA ASP B 203 2.37 37.27 7.25
C ASP B 203 2.53 37.45 8.75
N HIS B 204 2.50 36.35 9.50
CA HIS B 204 2.73 36.38 10.94
C HIS B 204 3.49 35.12 11.32
N SER B 205 3.96 35.09 12.57
CA SER B 205 4.77 33.99 13.08
C SER B 205 4.31 33.60 14.46
N LEU B 206 4.32 32.29 14.74
CA LEU B 206 3.98 31.76 16.05
C LEU B 206 5.17 31.02 16.64
N PHE B 207 5.36 31.15 17.94
CA PHE B 207 6.43 30.49 18.67
C PHE B 207 5.83 29.84 19.91
N LEU B 208 6.20 28.58 20.17
CA LEU B 208 5.70 27.83 21.31
C LEU B 208 6.86 27.40 22.19
N THR B 209 6.80 27.75 23.48
CA THR B 209 7.87 27.46 24.42
C THR B 209 7.61 26.16 25.17
N ASP B 210 8.64 25.68 25.86
CA ASP B 210 8.49 24.49 26.69
C ASP B 210 7.75 24.77 28.00
N LYS B 211 7.34 26.02 28.24
CA LYS B 211 6.43 26.36 29.32
C LYS B 211 4.97 26.25 28.90
N GLY B 212 4.71 25.80 27.68
CA GLY B 212 3.33 25.70 27.20
C GLY B 212 2.70 27.02 26.84
N GLU B 213 3.50 28.02 26.47
CA GLU B 213 3.00 29.35 26.17
C GLU B 213 3.33 29.72 24.73
N VAL B 214 2.51 30.59 24.15
CA VAL B 214 2.60 30.96 22.74
C VAL B 214 3.00 32.42 22.62
N TYR B 215 3.94 32.70 21.72
CA TYR B 215 4.30 34.05 21.30
C TYR B 215 3.92 34.24 19.84
N SER B 216 3.74 35.50 19.45
CA SER B 216 3.39 35.80 18.06
C SER B 216 3.96 37.16 17.68
N CYS B 217 4.05 37.38 16.36
CA CYS B 217 4.44 38.68 15.81
C CYS B 217 4.02 38.71 14.36
N GLY B 218 3.86 39.93 13.83
CA GLY B 218 3.57 40.14 12.43
C GLY B 218 2.29 40.91 12.21
N TRP B 219 1.69 40.68 11.05
CA TRP B 219 0.42 41.30 10.68
C TRP B 219 -0.69 40.90 11.65
N GLY B 220 -1.57 41.85 11.97
CA GLY B 220 -2.60 41.58 12.95
C GLY B 220 -4.00 41.98 12.55
N ALA B 221 -4.20 42.30 11.26
CA ALA B 221 -5.48 42.86 10.82
C ALA B 221 -6.64 41.90 11.03
N ASP B 222 -6.41 40.59 10.87
CA ASP B 222 -7.42 39.60 11.16
C ASP B 222 -7.35 39.06 12.58
N GLY B 223 -6.43 39.59 13.39
CA GLY B 223 -6.23 39.08 14.73
C GLY B 223 -5.39 37.83 14.80
N GLN B 224 -4.64 37.50 13.74
CA GLN B 224 -3.91 36.24 13.70
C GLN B 224 -2.79 36.18 14.72
N THR B 225 -2.29 37.32 15.19
CA THR B 225 -1.29 37.29 16.26
C THR B 225 -1.92 37.05 17.62
N GLY B 226 -3.23 37.25 17.76
CA GLY B 226 -3.95 36.92 18.97
C GLY B 226 -3.57 37.72 20.20
N LEU B 227 -3.31 39.01 20.04
CA LEU B 227 -2.77 39.85 21.11
C LEU B 227 -3.78 40.86 21.64
N GLY B 228 -5.04 40.78 21.23
CA GLY B 228 -6.05 41.69 21.71
C GLY B 228 -6.21 42.97 20.93
N HIS B 229 -5.56 43.09 19.78
CA HIS B 229 -5.67 44.27 18.93
C HIS B 229 -5.43 43.85 17.49
N TYR B 230 -5.54 44.82 16.57
CA TYR B 230 -5.42 44.54 15.14
C TYR B 230 -4.19 45.20 14.53
N ASN B 231 -3.22 45.61 15.34
CA ASN B 231 -2.08 46.34 14.84
C ASN B 231 -0.90 45.41 14.57
N ILE B 232 0.05 45.91 13.78
CA ILE B 232 1.29 45.18 13.52
C ILE B 232 2.04 44.98 14.83
N THR B 233 2.61 43.78 14.99
CA THR B 233 3.46 43.46 16.13
C THR B 233 4.84 43.08 15.59
N SER B 234 5.87 43.82 15.99
CA SER B 234 7.21 43.66 15.44
C SER B 234 8.18 43.00 16.42
N SER B 235 7.67 42.40 17.50
CA SER B 235 8.50 41.74 18.48
C SER B 235 7.67 40.61 19.10
N PRO B 236 8.23 39.40 19.22
CA PRO B 236 7.43 38.27 19.74
C PRO B 236 6.79 38.55 21.09
N THR B 237 5.48 38.42 21.16
CA THR B 237 4.71 38.81 22.34
C THR B 237 3.84 37.65 22.79
N LYS B 238 3.80 37.42 24.10
CA LYS B 238 3.08 36.30 24.66
C LYS B 238 1.57 36.49 24.55
N LEU B 239 0.88 35.42 24.19
CA LEU B 239 -0.56 35.45 24.02
C LEU B 239 -1.27 35.10 25.33
N GLY B 240 -2.42 35.74 25.54
CA GLY B 240 -3.23 35.46 26.71
C GLY B 240 -4.60 34.96 26.36
N GLY B 241 -5.63 35.68 26.81
CA GLY B 241 -6.99 35.25 26.53
C GLY B 241 -7.26 33.89 27.17
N ASP B 242 -7.89 33.01 26.40
CA ASP B 242 -8.20 31.68 26.92
C ASP B 242 -6.97 30.78 27.01
N LEU B 243 -5.80 31.24 26.56
CA LEU B 243 -4.56 30.48 26.70
C LEU B 243 -3.86 30.71 28.03
N ALA B 244 -4.33 31.67 28.83
CA ALA B 244 -3.68 31.97 30.11
C ALA B 244 -3.78 30.78 31.05
N GLY B 245 -2.62 30.32 31.53
CA GLY B 245 -2.58 29.15 32.39
C GLY B 245 -2.85 27.84 31.69
N VAL B 246 -2.81 27.82 30.35
CA VAL B 246 -3.03 26.61 29.57
C VAL B 246 -1.70 26.10 29.08
N ASN B 247 -1.49 24.78 29.18
CA ASN B 247 -0.26 24.13 28.72
C ASN B 247 -0.44 23.75 27.26
N VAL B 248 0.01 24.63 26.37
CA VAL B 248 -0.12 24.40 24.93
C VAL B 248 1.01 23.48 24.48
N ILE B 249 0.66 22.44 23.72
CA ILE B 249 1.64 21.50 23.18
C ILE B 249 1.78 21.58 21.68
N GLN B 250 0.92 22.34 20.99
CA GLN B 250 1.03 22.48 19.55
C GLN B 250 0.28 23.71 19.10
N VAL B 251 0.81 24.38 18.08
CA VAL B 251 0.13 25.46 17.39
C VAL B 251 0.08 25.10 15.90
N ALA B 252 -0.89 25.68 15.20
CA ALA B 252 -1.07 25.41 13.78
C ALA B 252 -1.56 26.67 13.08
N THR B 253 -0.94 26.96 11.94
CA THR B 253 -1.31 28.09 11.09
C THR B 253 -0.62 27.90 9.74
N TYR B 254 -1.06 28.70 8.76
CA TYR B 254 -0.42 28.78 7.45
C TYR B 254 -1.01 29.94 6.67
N GLY B 255 -2.29 30.20 6.88
CA GLY B 255 -2.92 31.39 6.34
C GLY B 255 -3.06 32.46 7.41
N ASP B 256 -4.28 32.95 7.61
CA ASP B 256 -4.54 33.98 8.61
C ASP B 256 -5.35 33.46 9.80
N CYS B 257 -5.56 32.15 9.89
CA CYS B 257 -6.26 31.53 11.01
C CYS B 257 -5.27 30.69 11.82
N CYS B 258 -5.51 30.59 13.13
CA CYS B 258 -4.58 29.93 14.02
C CYS B 258 -5.34 29.01 14.98
N LEU B 259 -4.71 27.88 15.31
CA LEU B 259 -5.24 26.92 16.27
C LEU B 259 -4.14 26.49 17.22
N ALA B 260 -4.53 26.13 18.44
CA ALA B 260 -3.61 25.63 19.44
C ALA B 260 -4.24 24.44 20.15
N VAL B 261 -3.38 23.52 20.61
CA VAL B 261 -3.80 22.30 21.29
C VAL B 261 -3.15 22.27 22.66
N SER B 262 -3.95 21.99 23.69
CA SER B 262 -3.44 21.89 25.05
C SER B 262 -3.14 20.43 25.40
N ALA B 263 -2.42 20.26 26.51
CA ALA B 263 -1.97 18.92 26.90
C ALA B 263 -3.14 17.99 27.20
N ASP B 264 -4.24 18.51 27.75
CA ASP B 264 -5.36 17.67 28.15
C ASP B 264 -6.39 17.50 27.05
N GLY B 265 -6.07 17.90 25.81
CA GLY B 265 -6.97 17.73 24.69
C GLY B 265 -7.82 18.94 24.34
N GLY B 266 -7.60 20.08 24.99
CA GLY B 266 -8.33 21.27 24.65
C GLY B 266 -7.92 21.85 23.32
N LEU B 267 -8.83 22.59 22.71
CA LEU B 267 -8.61 23.22 21.42
C LEU B 267 -8.92 24.71 21.53
N PHE B 268 -8.08 25.51 20.87
CA PHE B 268 -8.21 26.97 20.91
C PHE B 268 -7.97 27.51 19.52
N GLY B 269 -8.54 28.68 19.24
CA GLY B 269 -8.41 29.28 17.94
C GLY B 269 -8.54 30.79 17.99
N TRP B 270 -7.89 31.46 17.04
CA TRP B 270 -7.99 32.91 16.91
C TRP B 270 -7.60 33.27 15.48
N GLY B 271 -7.80 34.54 15.14
CA GLY B 271 -7.47 35.03 13.82
C GLY B 271 -8.65 35.05 12.86
N ASN B 272 -8.37 34.81 11.58
CA ASN B 272 -9.40 34.91 10.54
C ASN B 272 -10.52 33.90 10.79
N SER B 273 -11.76 34.38 10.71
CA SER B 273 -12.94 33.53 10.82
C SER B 273 -13.98 33.98 9.79
N GLU B 274 -13.53 34.24 8.57
CA GLU B 274 -14.44 34.50 7.46
C GLU B 274 -15.06 33.23 6.90
N TYR B 275 -14.47 32.07 7.21
CA TYR B 275 -14.85 30.81 6.59
C TYR B 275 -15.31 29.80 7.63
N LEU B 276 -15.96 30.28 8.70
CA LEU B 276 -16.61 29.51 9.75
C LEU B 276 -15.64 28.83 10.71
N GLN B 277 -14.34 29.12 10.62
CA GLN B 277 -13.36 28.44 11.47
C GLN B 277 -13.68 28.60 12.95
N LEU B 278 -14.04 29.81 13.38
CA LEU B 278 -14.36 30.08 14.77
C LEU B 278 -15.82 30.46 14.98
N ALA B 279 -16.67 30.23 13.97
CA ALA B 279 -18.07 30.65 14.05
C ALA B 279 -18.86 29.95 15.14
N SER B 280 -18.35 28.86 15.71
CA SER B 280 -19.07 28.18 16.77
C SER B 280 -19.03 28.95 18.09
N VAL B 281 -18.13 29.91 18.22
CA VAL B 281 -18.00 30.68 19.46
C VAL B 281 -18.16 32.18 19.25
N THR B 282 -18.13 32.68 18.02
CA THR B 282 -18.27 34.11 17.78
C THR B 282 -18.74 34.35 16.35
N ASP B 283 -19.51 35.42 16.17
CA ASP B 283 -19.89 35.85 14.83
C ASP B 283 -18.87 36.83 14.23
N SER B 284 -17.83 37.17 14.96
CA SER B 284 -16.77 38.00 14.42
C SER B 284 -15.95 37.22 13.40
N THR B 285 -15.52 37.91 12.35
CA THR B 285 -14.65 37.31 11.34
C THR B 285 -13.18 37.62 11.59
N GLN B 286 -12.85 38.37 12.64
CA GLN B 286 -11.48 38.78 12.94
C GLN B 286 -11.30 38.71 14.46
N VAL B 287 -10.83 37.57 14.95
CA VAL B 287 -10.78 37.27 16.38
C VAL B 287 -9.35 37.47 16.85
N ASN B 288 -9.11 38.53 17.64
CA ASN B 288 -7.76 38.86 18.09
C ASN B 288 -7.46 38.40 19.51
N VAL B 289 -8.34 37.60 20.11
CA VAL B 289 -8.11 37.00 21.42
C VAL B 289 -8.30 35.50 21.28
N PRO B 290 -7.40 34.67 21.79
CA PRO B 290 -7.59 33.22 21.69
C PRO B 290 -8.87 32.78 22.38
N ARG B 291 -9.65 31.94 21.69
CA ARG B 291 -10.93 31.46 22.18
C ARG B 291 -10.90 29.96 22.31
N CYS B 292 -11.44 29.45 23.42
CA CYS B 292 -11.59 28.01 23.58
C CYS B 292 -12.64 27.50 22.61
N LEU B 293 -12.34 26.38 21.95
CA LEU B 293 -13.25 25.72 21.02
C LEU B 293 -13.61 24.37 21.62
N HIS B 294 -14.82 24.26 22.19
CA HIS B 294 -15.29 23.01 22.73
C HIS B 294 -16.24 22.35 21.72
N PHE B 295 -15.86 21.16 21.25
CA PHE B 295 -16.69 20.35 20.37
C PHE B 295 -16.87 18.99 21.04
N SER B 296 -18.10 18.73 21.51
CA SER B 296 -18.35 17.50 22.26
C SER B 296 -18.20 16.26 21.38
N GLY B 297 -18.46 16.38 20.08
CA GLY B 297 -18.33 15.23 19.19
C GLY B 297 -16.89 14.80 18.99
N VAL B 298 -15.95 15.72 19.12
CA VAL B 298 -14.53 15.40 19.04
C VAL B 298 -14.07 14.95 20.42
N GLY B 299 -13.12 14.03 20.46
CA GLY B 299 -12.60 13.57 21.73
C GLY B 299 -11.64 14.58 22.34
N LYS B 300 -10.53 14.09 22.87
CA LYS B 300 -9.43 14.96 23.25
C LYS B 300 -8.59 15.23 22.01
N VAL B 301 -8.43 16.52 21.67
CA VAL B 301 -7.65 16.86 20.49
C VAL B 301 -6.17 16.61 20.76
N ARG B 302 -5.52 15.87 19.86
CA ARG B 302 -4.10 15.59 19.97
C ARG B 302 -3.26 16.34 18.96
N GLN B 303 -3.79 16.63 17.78
CA GLN B 303 -3.11 17.42 16.77
C GLN B 303 -4.11 18.36 16.10
N ALA B 304 -3.60 19.50 15.65
CA ALA B 304 -4.38 20.44 14.87
C ALA B 304 -3.58 20.84 13.63
N ALA B 305 -4.31 21.09 12.54
CA ALA B 305 -3.74 21.61 11.31
C ALA B 305 -4.68 22.67 10.77
N CYS B 306 -4.12 23.72 10.19
CA CYS B 306 -4.90 24.89 9.78
C CYS B 306 -4.41 25.38 8.44
N GLY B 307 -5.32 25.43 7.47
CA GLY B 307 -5.04 25.98 6.15
C GLY B 307 -5.56 27.39 5.99
N GLY B 308 -5.74 27.80 4.74
CA GLY B 308 -6.23 29.15 4.47
C GLY B 308 -7.67 29.33 4.89
N THR B 309 -8.54 28.38 4.51
CA THR B 309 -9.96 28.44 4.84
C THR B 309 -10.47 27.22 5.57
N GLY B 310 -9.67 26.16 5.70
CA GLY B 310 -10.13 24.95 6.36
C GLY B 310 -9.32 24.60 7.58
N CYS B 311 -9.87 23.73 8.44
CA CYS B 311 -9.19 23.27 9.62
C CYS B 311 -9.37 21.76 9.75
N ALA B 312 -8.48 21.14 10.51
CA ALA B 312 -8.58 19.71 10.78
C ALA B 312 -7.94 19.42 12.14
N VAL B 313 -8.50 18.43 12.83
CA VAL B 313 -7.97 18.00 14.11
C VAL B 313 -7.90 16.47 14.13
N LEU B 314 -7.02 15.96 14.98
CA LEU B 314 -6.85 14.54 15.22
C LEU B 314 -7.08 14.27 16.70
N ASN B 315 -7.96 13.33 17.02
CA ASN B 315 -8.35 13.11 18.40
C ASN B 315 -7.59 11.90 18.98
N GLY B 316 -7.94 11.53 20.21
CA GLY B 316 -7.24 10.47 20.92
C GLY B 316 -7.44 9.09 20.33
N GLU B 317 -8.50 8.88 19.55
CA GLU B 317 -8.71 7.63 18.85
C GLU B 317 -8.08 7.62 17.47
N GLY B 318 -7.30 8.65 17.13
CA GLY B 318 -6.73 8.75 15.80
C GLY B 318 -7.75 9.04 14.72
N HIS B 319 -8.82 9.75 15.05
CA HIS B 319 -9.87 10.09 14.10
C HIS B 319 -9.68 11.53 13.63
N VAL B 320 -9.95 11.76 12.35
CA VAL B 320 -9.73 13.05 11.70
C VAL B 320 -11.06 13.76 11.56
N PHE B 321 -11.11 15.03 12.00
CA PHE B 321 -12.29 15.87 11.87
C PHE B 321 -11.91 17.11 11.08
N VAL B 322 -12.82 17.60 10.24
CA VAL B 322 -12.57 18.75 9.38
C VAL B 322 -13.73 19.73 9.47
N TRP B 323 -13.40 21.01 9.35
CA TRP B 323 -14.43 22.06 9.29
C TRP B 323 -13.82 23.28 8.63
N GLY B 324 -14.63 24.32 8.50
CA GLY B 324 -14.22 25.54 7.81
C GLY B 324 -14.87 25.66 6.46
N TYR B 325 -14.08 25.93 5.41
CA TYR B 325 -14.61 26.04 4.07
C TYR B 325 -13.64 25.39 3.09
N GLY B 326 -14.18 24.73 2.08
CA GLY B 326 -13.36 24.20 1.00
C GLY B 326 -13.67 22.76 0.64
N ILE B 327 -12.69 22.09 0.05
CA ILE B 327 -12.83 20.67 -0.31
C ILE B 327 -12.36 19.89 0.91
N LEU B 328 -13.28 19.73 1.87
CA LEU B 328 -12.92 19.37 3.23
C LEU B 328 -12.58 17.90 3.39
N GLY B 329 -13.15 17.02 2.56
CA GLY B 329 -12.75 15.63 2.58
C GLY B 329 -13.86 14.62 2.76
N LYS B 330 -15.10 15.08 2.73
CA LYS B 330 -16.27 14.20 2.89
C LYS B 330 -17.18 14.28 1.68
N GLY B 331 -16.60 14.44 0.49
CA GLY B 331 -17.37 14.45 -0.73
C GLY B 331 -17.72 15.83 -1.21
N PRO B 332 -18.36 15.91 -2.38
CA PRO B 332 -18.69 17.23 -2.95
C PRO B 332 -19.79 17.97 -2.21
N ASN B 333 -20.51 17.30 -1.30
CA ASN B 333 -21.63 17.93 -0.62
C ASN B 333 -21.22 18.68 0.65
N LEU B 334 -20.08 18.33 1.26
CA LEU B 334 -19.59 19.03 2.45
C LEU B 334 -18.58 20.07 1.99
N VAL B 335 -19.01 21.32 1.93
CA VAL B 335 -18.16 22.43 1.52
C VAL B 335 -17.90 23.42 2.65
N GLU B 336 -18.78 23.49 3.65
CA GLU B 336 -18.55 24.39 4.77
C GLU B 336 -19.23 23.84 6.01
N SER B 337 -18.61 24.12 7.16
CA SER B 337 -19.15 23.73 8.46
C SER B 337 -18.44 24.52 9.54
N ALA B 338 -19.19 24.95 10.55
CA ALA B 338 -18.61 25.57 11.73
C ALA B 338 -18.23 24.55 12.79
N VAL B 339 -18.61 23.29 12.61
CA VAL B 339 -18.38 22.23 13.59
C VAL B 339 -17.59 21.13 12.91
N PRO B 340 -16.59 20.53 13.59
CA PRO B 340 -15.79 19.48 12.95
C PRO B 340 -16.63 18.28 12.55
N GLU B 341 -16.42 17.82 11.32
CA GLU B 341 -17.05 16.62 10.79
C GLU B 341 -16.01 15.51 10.68
N MET B 342 -16.30 14.37 11.28
CA MET B 342 -15.35 13.26 11.22
C MET B 342 -15.32 12.68 9.81
N ILE B 343 -14.11 12.43 9.33
CA ILE B 343 -13.90 11.72 8.07
C ILE B 343 -13.95 10.22 8.38
N PRO B 344 -14.82 9.45 7.72
CA PRO B 344 -14.94 8.01 8.03
C PRO B 344 -13.60 7.32 7.94
N PRO B 345 -13.19 6.61 9.00
CA PRO B 345 -11.88 5.93 9.01
C PRO B 345 -11.68 4.96 7.85
N THR B 346 -12.78 4.48 7.27
CA THR B 346 -12.67 3.58 6.11
C THR B 346 -11.92 4.26 4.97
N LEU B 347 -12.15 5.57 4.79
CA LEU B 347 -11.49 6.29 3.70
C LEU B 347 -9.99 6.36 3.87
N PHE B 348 -9.46 6.08 5.07
CA PHE B 348 -8.03 5.98 5.30
C PHE B 348 -7.55 4.54 5.29
N GLY B 349 -8.36 3.60 4.80
CA GLY B 349 -7.99 2.20 4.84
C GLY B 349 -8.06 1.58 6.21
N LEU B 350 -8.75 2.22 7.15
CA LEU B 350 -8.79 1.78 8.54
C LEU B 350 -10.10 1.06 8.84
N THR B 351 -10.00 0.07 9.71
CA THR B 351 -11.15 -0.71 10.18
C THR B 351 -11.16 -0.66 11.69
N GLU B 352 -12.28 -1.10 12.28
CA GLU B 352 -12.37 -1.16 13.73
C GLU B 352 -11.79 -2.44 14.32
N PHE B 353 -11.41 -3.39 13.48
CA PHE B 353 -10.80 -4.64 13.93
C PHE B 353 -9.34 -4.45 14.33
N ASN B 354 -8.74 -3.33 13.97
CA ASN B 354 -7.40 -2.95 14.44
C ASN B 354 -7.45 -1.48 14.81
N PRO B 355 -8.14 -1.14 15.92
CA PRO B 355 -8.25 0.28 16.31
C PRO B 355 -6.93 0.88 16.76
N GLU B 356 -5.88 0.06 16.90
CA GLU B 356 -4.53 0.57 17.13
C GLU B 356 -3.92 1.11 15.85
N ILE B 357 -4.43 0.71 14.70
CA ILE B 357 -4.02 1.27 13.41
C ILE B 357 -4.93 2.45 13.11
N GLN B 358 -4.35 3.64 13.04
CA GLN B 358 -5.11 4.87 12.95
C GLN B 358 -4.29 5.94 12.25
N VAL B 359 -4.86 7.12 12.11
CA VAL B 359 -4.13 8.27 11.60
C VAL B 359 -3.20 8.77 12.70
N SER B 360 -1.91 8.93 12.35
CA SER B 360 -0.91 9.34 13.31
C SER B 360 -0.41 10.77 13.12
N ARG B 361 -0.75 11.40 12.00
CA ARG B 361 -0.27 12.75 11.72
C ARG B 361 -1.19 13.40 10.69
N ILE B 362 -1.57 14.65 10.94
CA ILE B 362 -2.35 15.44 9.99
C ILE B 362 -1.58 16.73 9.70
N ARG B 363 -1.63 17.16 8.45
CA ARG B 363 -1.03 18.42 8.03
C ARG B 363 -1.96 19.12 7.05
N CYS B 364 -1.84 20.44 6.99
CA CYS B 364 -2.62 21.25 6.08
C CYS B 364 -1.69 22.05 5.18
N GLY B 365 -2.01 22.09 3.89
CA GLY B 365 -1.52 23.11 2.99
C GLY B 365 -2.45 24.30 3.03
N LEU B 366 -2.30 25.18 2.05
CA LEU B 366 -3.19 26.33 1.99
C LEU B 366 -4.63 25.90 1.68
N SER B 367 -4.80 24.97 0.74
CA SER B 367 -6.13 24.54 0.34
C SER B 367 -6.28 23.02 0.29
N HIS B 368 -5.30 22.25 0.75
CA HIS B 368 -5.40 20.80 0.73
C HIS B 368 -4.95 20.24 2.08
N PHE B 369 -5.20 18.95 2.26
CA PHE B 369 -4.98 18.25 3.52
C PHE B 369 -4.15 16.99 3.28
N ALA B 370 -3.46 16.55 4.33
CA ALA B 370 -2.65 15.35 4.28
C ALA B 370 -2.75 14.61 5.61
N ALA B 371 -2.74 13.27 5.54
CA ALA B 371 -2.84 12.44 6.73
C ALA B 371 -1.95 11.22 6.58
N LEU B 372 -1.19 10.91 7.62
CA LEU B 372 -0.36 9.71 7.67
C LEU B 372 -0.93 8.73 8.68
N THR B 373 -0.99 7.46 8.31
CA THR B 373 -1.54 6.42 9.15
C THR B 373 -0.45 5.58 9.79
N ASN B 374 -0.86 4.71 10.71
CA ASN B 374 0.06 3.76 11.33
C ASN B 374 0.58 2.73 10.33
N LYS B 375 -0.10 2.55 9.19
CA LYS B 375 0.31 1.61 8.17
C LYS B 375 1.40 2.15 7.25
N GLY B 376 1.96 3.31 7.56
CA GLY B 376 2.99 3.90 6.71
C GLY B 376 2.49 4.36 5.36
N GLU B 377 1.30 4.94 5.32
CA GLU B 377 0.70 5.40 4.07
C GLU B 377 0.33 6.87 4.18
N LEU B 378 0.35 7.55 3.04
CA LEU B 378 0.04 8.98 2.96
C LEU B 378 -1.26 9.16 2.20
N PHE B 379 -2.19 9.91 2.79
CA PHE B 379 -3.46 10.26 2.17
C PHE B 379 -3.53 11.77 2.01
N VAL B 380 -4.01 12.22 0.85
CA VAL B 380 -4.19 13.64 0.58
C VAL B 380 -5.58 13.87 0.01
N TRP B 381 -6.06 15.10 0.17
CA TRP B 381 -7.33 15.51 -0.40
C TRP B 381 -7.42 17.04 -0.35
N GLY B 382 -8.43 17.57 -1.02
CA GLY B 382 -8.66 19.00 -1.08
C GLY B 382 -8.46 19.54 -2.49
N LYS B 383 -8.17 20.84 -2.54
CA LYS B 383 -7.86 21.49 -3.81
C LYS B 383 -6.55 20.97 -4.37
N ASN B 384 -6.56 20.55 -5.63
CA ASN B 384 -5.35 20.09 -6.31
C ASN B 384 -4.79 21.27 -7.09
N ILE B 385 -3.94 22.06 -6.43
CA ILE B 385 -3.37 23.26 -7.03
C ILE B 385 -2.06 22.87 -7.69
N ARG B 386 -2.05 22.87 -9.03
CA ARG B 386 -0.85 22.59 -9.82
C ARG B 386 -0.21 21.27 -9.41
N GLY B 387 -1.04 20.25 -9.23
CA GLY B 387 -0.53 18.93 -8.93
C GLY B 387 0.05 18.75 -7.54
N CYS B 388 -0.28 19.64 -6.60
CA CYS B 388 0.28 19.53 -5.26
C CYS B 388 -0.18 18.27 -4.53
N LEU B 389 -1.25 17.62 -4.99
CA LEU B 389 -1.67 16.37 -4.38
C LEU B 389 -0.75 15.20 -4.74
N GLY B 390 -0.02 15.32 -5.84
CA GLY B 390 0.95 14.29 -6.20
C GLY B 390 0.36 12.95 -6.55
N ILE B 391 -0.86 12.93 -7.09
CA ILE B 391 -1.54 11.69 -7.39
C ILE B 391 -1.66 11.47 -8.91
N GLY B 392 -0.79 12.11 -9.69
CA GLY B 392 -0.83 11.96 -11.13
C GLY B 392 -1.91 12.79 -11.79
N ARG B 393 -3.16 12.39 -11.62
CA ARG B 393 -4.28 13.19 -12.12
C ARG B 393 -4.30 14.54 -11.43
N LEU B 394 -4.82 15.55 -12.14
CA LEU B 394 -4.76 16.93 -11.68
C LEU B 394 -6.10 17.44 -11.15
N GLU B 395 -7.12 16.59 -11.07
CA GLU B 395 -8.40 17.03 -10.55
C GLU B 395 -8.37 17.16 -9.03
N ASP B 396 -9.29 17.96 -8.51
CA ASP B 396 -9.48 18.04 -7.06
C ASP B 396 -9.92 16.69 -6.51
N GLN B 397 -9.62 16.47 -5.22
CA GLN B 397 -9.93 15.22 -4.53
C GLN B 397 -10.87 15.52 -3.38
N TYR B 398 -12.10 15.04 -3.46
CA TYR B 398 -13.10 15.30 -2.44
C TYR B 398 -13.11 14.26 -1.33
N PHE B 399 -12.31 13.21 -1.46
CA PHE B 399 -12.13 12.17 -0.45
C PHE B 399 -10.65 11.92 -0.29
N PRO B 400 -10.22 11.39 0.86
CA PRO B 400 -8.81 11.01 1.00
C PRO B 400 -8.39 10.04 -0.09
N TRP B 401 -7.19 10.24 -0.61
CA TRP B 401 -6.65 9.42 -1.68
C TRP B 401 -5.20 9.08 -1.36
N ARG B 402 -4.87 7.79 -1.46
CA ARG B 402 -3.53 7.34 -1.11
C ARG B 402 -2.52 7.78 -2.16
N VAL B 403 -1.39 8.29 -1.69
CA VAL B 403 -0.30 8.72 -2.57
C VAL B 403 0.70 7.58 -2.72
N THR B 404 0.99 7.21 -3.97
CA THR B 404 1.95 6.16 -4.26
C THR B 404 3.34 6.78 -4.41
N MET B 405 4.30 6.26 -3.65
CA MET B 405 5.67 6.75 -3.74
C MET B 405 6.62 5.60 -3.49
N PRO B 406 7.84 5.63 -4.04
CA PRO B 406 8.79 4.54 -3.84
C PRO B 406 9.48 4.56 -2.48
N GLY B 407 8.71 4.75 -1.42
CA GLY B 407 9.25 4.73 -0.06
C GLY B 407 8.13 4.83 0.93
N GLU B 408 8.46 4.60 2.20
CA GLU B 408 7.48 4.72 3.27
C GLU B 408 7.49 6.12 3.84
N PRO B 409 6.38 6.87 3.74
CA PRO B 409 6.39 8.25 4.25
C PRO B 409 6.41 8.28 5.77
N VAL B 410 7.20 9.21 6.31
CA VAL B 410 7.31 9.40 7.75
C VAL B 410 6.70 10.73 8.18
N ASP B 411 6.92 11.79 7.43
CA ASP B 411 6.24 13.06 7.63
C ASP B 411 6.15 13.79 6.30
N VAL B 412 5.26 14.78 6.24
CA VAL B 412 5.09 15.60 5.04
C VAL B 412 5.05 17.06 5.46
N ALA B 413 5.39 17.92 4.49
CA ALA B 413 5.15 19.36 4.57
C ALA B 413 4.29 19.75 3.40
N CYS B 414 3.36 20.68 3.63
CA CYS B 414 2.40 21.09 2.62
C CYS B 414 2.52 22.58 2.36
N GLY B 415 2.63 22.96 1.09
CA GLY B 415 2.68 24.35 0.69
C GLY B 415 1.37 24.80 0.09
N VAL B 416 1.44 25.86 -0.71
CA VAL B 416 0.29 26.29 -1.48
C VAL B 416 0.07 25.37 -2.67
N ASP B 417 1.15 25.08 -3.41
CA ASP B 417 1.03 24.26 -4.62
C ASP B 417 2.17 23.25 -4.76
N HIS B 418 2.87 22.91 -3.68
CA HIS B 418 3.83 21.83 -3.71
C HIS B 418 3.86 21.13 -2.36
N MET B 419 4.51 19.98 -2.32
CA MET B 419 4.60 19.17 -1.12
C MET B 419 5.99 18.55 -1.03
N VAL B 420 6.39 18.25 0.20
CA VAL B 420 7.64 17.52 0.48
C VAL B 420 7.32 16.41 1.47
N THR B 421 7.84 15.22 1.21
CA THR B 421 7.67 14.07 2.09
C THR B 421 9.03 13.56 2.54
N LEU B 422 9.17 13.33 3.84
CA LEU B 422 10.35 12.69 4.41
C LEU B 422 10.03 11.20 4.58
N ALA B 423 10.80 10.36 3.92
CA ALA B 423 10.46 8.94 3.80
C ALA B 423 11.65 8.06 4.14
N LYS B 424 11.39 6.75 4.17
CA LYS B 424 12.41 5.73 4.33
C LYS B 424 12.27 4.73 3.19
N SER B 425 13.39 4.12 2.81
CA SER B 425 13.32 3.06 1.82
C SER B 425 12.57 1.86 2.39
N PHE B 426 11.96 1.08 1.50
CA PHE B 426 11.20 -0.09 1.95
C PHE B 426 12.13 -1.16 2.51
N ILE B 427 13.32 -1.31 1.93
CA ILE B 427 14.28 -2.31 2.39
C ILE B 427 15.42 -1.64 3.13
#